data_5X7G
#
_entry.id   5X7G
#
_cell.length_a   113.680
_cell.length_b   113.680
_cell.length_c   121.635
_cell.angle_alpha   90.00
_cell.angle_beta   90.00
_cell.angle_gamma   120.00
#
_symmetry.space_group_name_H-M   'P 31 2 1'
#
loop_
_entity.id
_entity.type
_entity.pdbx_description
1 polymer 'Cycloisomaltooligosaccharide glucanotransferase'
2 non-polymer 'CALCIUM ION'
3 non-polymer 'SODIUM ION'
4 non-polymer 'MALONATE ION'
5 non-polymer GLYCEROL
6 water water
#
_entity_poly.entity_id   1
_entity_poly.type   'polypeptide(L)'
_entity_poly.pdbx_seq_one_letter_code
;MGSSHHHHHHSSGLVPRGSHMASGDVERVYTDKSRYDPGDPVTITAQVRNTDSIAWTGTVQLRIAHLEDQVHTASQTVTI
GGGQTEDVQFTWTSPATDFKGYLADIDAGALGSGTTAIDVSSDFARYPRYGYVSEFHPDETAAESAAKIDELAQDYKINA
WQFYDWMWRHETMIKRTGSAIDSTWIDLFNREISWQTIQNQIDAVHDQNGAAMAYAMIYAAREDYESYGVDSEWGIYQDP
NHLQQLDVDFGNNSTYMYLFNPANTDWQSFIHAQYLDAINTAGFDGIHVDQMGQRNNVYDYWGNPLNFPATFTPFINEAK
STLTANNSDKDRITYNIVDGTVDGWAANEVSGGADVDFLYSEIWHLSDSYIQLKDYIDSLKANSGNKAVVLAAYMNYREN
IGDRYEAESAALTNTATNNNHSGYTGSGFVDQFADPGDAVTFSITVPEEGYYSLVFRFANNSGFTATRNLYVDSAFEIEL
PFQNQPSWSAWSHETWHQVYLTPGTHTIKLAYDAGNVGAINLDSLTLGTFDPHSIRLANAMMAASGATHIELGEDSQMLA
HEYYPNRSKSMRSELKEALKQHYNFITAYENLLFDPDVVDNDSGSQFVNLDMVSASGDASPNTVWHQVKRTPEYNIVHFI
NLANNDNQWRNSANPPTLHTNIATKVYVSPDETISGVYLASPDHDDNRTQSLAYTTGTDIHGDYVAFTLPSLEYWSMVYM
;
_entity_poly.pdbx_strand_id   A
#
# COMPACT_ATOMS: atom_id res chain seq x y z
N MET A 21 -22.95 7.43 35.90
CA MET A 21 -22.68 6.57 34.70
C MET A 21 -21.75 7.30 33.71
N ALA A 22 -20.45 7.24 34.01
CA ALA A 22 -19.40 7.69 33.09
C ALA A 22 -19.43 6.87 31.79
N SER A 23 -19.25 7.50 30.65
CA SER A 23 -19.12 6.77 29.39
C SER A 23 -18.31 7.53 28.34
N GLY A 24 -17.77 6.79 27.38
CA GLY A 24 -16.91 7.36 26.36
C GLY A 24 -16.03 6.36 25.63
N ASP A 25 -15.12 6.87 24.83
CA ASP A 25 -14.18 6.02 24.13
C ASP A 25 -12.96 6.85 23.71
N VAL A 26 -11.83 6.17 23.67
CA VAL A 26 -10.62 6.70 23.05
C VAL A 26 -10.81 6.46 21.55
N GLU A 27 -10.95 7.54 20.79
CA GLU A 27 -11.20 7.44 19.35
C GLU A 27 -9.94 7.16 18.55
N ARG A 28 -8.82 7.75 18.96
CA ARG A 28 -7.54 7.72 18.22
C ARG A 28 -6.42 7.91 19.21
N VAL A 29 -5.33 7.17 19.02
CA VAL A 29 -4.10 7.39 19.73
C VAL A 29 -3.02 7.49 18.68
N TYR A 30 -2.18 8.52 18.75
CA TYR A 30 -1.09 8.65 17.81
C TYR A 30 0.08 9.36 18.43
N THR A 31 1.20 9.35 17.71
CA THR A 31 2.45 10.01 18.11
C THR A 31 2.71 11.21 17.20
N ASP A 32 3.67 12.05 17.58
CA ASP A 32 3.90 13.26 16.79
C ASP A 32 4.74 13.04 15.54
N LYS A 33 5.48 11.93 15.48
CA LYS A 33 6.33 11.58 14.33
C LYS A 33 6.17 10.09 14.06
N SER A 34 6.32 9.68 12.80
CA SER A 34 6.22 8.25 12.44
C SER A 34 7.48 7.46 12.79
N ARG A 35 8.56 8.17 13.08
CA ARG A 35 9.84 7.58 13.39
C ARG A 35 10.64 8.55 14.27
N TYR A 36 11.41 8.02 15.22
CA TYR A 36 12.25 8.84 16.11
C TYR A 36 13.71 8.37 16.16
N ASP A 37 14.63 9.32 16.28
CA ASP A 37 16.00 9.00 16.65
C ASP A 37 16.04 8.61 18.12
N PRO A 38 16.87 7.62 18.46
CA PRO A 38 17.04 7.32 19.87
C PRO A 38 17.32 8.59 20.66
N GLY A 39 16.64 8.74 21.81
CA GLY A 39 16.78 9.94 22.64
C GLY A 39 15.80 11.07 22.33
N ASP A 40 15.10 11.00 21.19
CA ASP A 40 14.11 12.05 20.86
C ASP A 40 12.94 11.98 21.84
N PRO A 41 12.37 13.15 22.16
CA PRO A 41 11.10 13.13 22.89
C PRO A 41 9.96 12.68 21.96
N VAL A 42 9.12 11.82 22.50
CA VAL A 42 7.92 11.33 21.85
C VAL A 42 6.68 11.91 22.54
N THR A 43 5.83 12.58 21.77
CA THR A 43 4.55 13.08 22.25
C THR A 43 3.40 12.18 21.78
N ILE A 44 2.72 11.58 22.73
CA ILE A 44 1.66 10.62 22.50
C ILE A 44 0.35 11.30 22.88
N THR A 45 -0.65 11.21 22.00
CA THR A 45 -1.95 11.88 22.14
C THR A 45 -3.08 10.86 22.07
N ALA A 46 -3.91 10.85 23.12
CA ALA A 46 -5.19 10.14 23.07
C ALA A 46 -6.30 11.17 22.87
N GLN A 47 -7.13 10.90 21.88
CA GLN A 47 -8.27 11.72 21.52
C GLN A 47 -9.42 11.05 22.23
N VAL A 48 -9.77 11.60 23.40
CA VAL A 48 -10.72 10.98 24.31
C VAL A 48 -12.08 11.69 24.29
N ARG A 49 -13.14 10.94 24.02
CA ARG A 49 -14.49 11.47 23.86
C ARG A 49 -15.34 11.06 25.06
N ASN A 50 -15.90 12.06 25.74
CA ASN A 50 -16.91 11.86 26.79
C ASN A 50 -18.27 11.83 26.09
N THR A 51 -18.96 10.69 26.16
CA THR A 51 -20.28 10.56 25.53
C THR A 51 -21.43 10.83 26.49
N ASP A 52 -21.11 10.96 27.78
CA ASP A 52 -22.08 11.34 28.77
C ASP A 52 -22.49 12.82 28.59
N SER A 53 -23.62 13.15 29.19
CA SER A 53 -24.14 14.54 29.19
C SER A 53 -23.31 15.52 29.98
N ILE A 54 -22.63 15.07 31.01
CA ILE A 54 -21.86 15.94 31.84
C ILE A 54 -20.38 15.56 31.85
N ALA A 55 -19.59 16.52 32.33
CA ALA A 55 -18.16 16.42 32.46
C ALA A 55 -17.69 15.24 33.31
N TRP A 56 -16.55 14.67 32.90
CA TRP A 56 -15.92 13.55 33.59
C TRP A 56 -14.57 14.01 34.08
N THR A 57 -14.26 13.68 35.33
CA THR A 57 -12.93 13.88 35.88
C THR A 57 -12.39 12.52 36.28
N GLY A 58 -11.17 12.22 35.80
CA GLY A 58 -10.53 10.95 36.11
C GLY A 58 -9.10 10.80 35.67
N THR A 59 -8.55 9.67 36.05
CA THR A 59 -7.15 9.35 35.78
C THR A 59 -7.06 8.82 34.36
N VAL A 60 -6.09 9.34 33.61
CA VAL A 60 -5.66 8.74 32.34
C VAL A 60 -4.22 8.25 32.49
N GLN A 61 -4.02 6.95 32.22
CA GLN A 61 -2.76 6.21 32.44
C GLN A 61 -2.08 5.88 31.09
N LEU A 62 -0.79 6.21 30.97
CA LEU A 62 0.04 5.76 29.87
C LEU A 62 0.89 4.60 30.34
N ARG A 63 0.85 3.48 29.62
CA ARG A 63 1.83 2.39 29.77
C ARG A 63 2.54 2.15 28.42
N ILE A 64 3.87 2.05 28.44
CA ILE A 64 4.64 1.78 27.24
C ILE A 64 5.36 0.49 27.44
N ALA A 65 5.10 -0.46 26.56
CA ALA A 65 5.77 -1.75 26.59
C ALA A 65 6.81 -1.86 25.47
N HIS A 66 7.79 -2.72 25.67
CA HIS A 66 8.68 -3.16 24.60
C HIS A 66 8.49 -4.64 24.62
N LEU A 67 7.81 -5.16 23.61
CA LEU A 67 7.44 -6.59 23.57
C LEU A 67 6.73 -6.95 24.87
N GLU A 68 7.23 -7.91 25.64
CA GLU A 68 6.56 -8.36 26.86
C GLU A 68 6.85 -7.49 28.11
N ASP A 69 7.83 -6.59 28.02
CA ASP A 69 8.33 -5.80 29.17
C ASP A 69 7.59 -4.47 29.27
N GLN A 70 7.13 -4.13 30.47
CA GLN A 70 6.63 -2.77 30.76
C GLN A 70 7.81 -1.85 31.05
N VAL A 71 8.00 -0.82 30.25
CA VAL A 71 9.20 0.03 30.34
C VAL A 71 8.96 1.44 30.92
N HIS A 72 7.70 1.91 30.88
CA HIS A 72 7.39 3.26 31.36
C HIS A 72 5.89 3.35 31.66
N THR A 73 5.57 4.03 32.75
CA THR A 73 4.22 4.45 33.02
C THR A 73 4.19 5.90 33.42
N ALA A 74 3.04 6.52 33.19
CA ALA A 74 2.76 7.85 33.67
C ALA A 74 1.23 7.99 33.87
N SER A 75 0.83 9.05 34.54
CA SER A 75 -0.56 9.27 34.96
C SER A 75 -0.86 10.75 35.03
N GLN A 76 -2.11 11.10 34.71
CA GLN A 76 -2.59 12.46 34.93
C GLN A 76 -4.10 12.47 35.12
N THR A 77 -4.56 13.50 35.81
CA THR A 77 -5.98 13.78 36.00
C THR A 77 -6.39 14.76 34.93
N VAL A 78 -7.51 14.49 34.29
CA VAL A 78 -8.06 15.37 33.28
C VAL A 78 -9.55 15.48 33.49
N THR A 79 -10.11 16.56 32.98
CA THR A 79 -11.54 16.78 32.92
C THR A 79 -11.93 16.97 31.46
N ILE A 80 -12.93 16.23 31.04
CA ILE A 80 -13.42 16.29 29.67
C ILE A 80 -14.91 16.60 29.73
N GLY A 81 -15.29 17.72 29.14
CA GLY A 81 -16.69 18.15 29.15
C GLY A 81 -17.63 17.18 28.50
N GLY A 82 -18.90 17.24 28.90
CA GLY A 82 -19.96 16.43 28.29
C GLY A 82 -20.04 16.62 26.79
N GLY A 83 -20.09 15.50 26.06
CA GLY A 83 -20.09 15.52 24.60
C GLY A 83 -18.84 16.04 23.89
N GLN A 84 -17.76 16.27 24.63
CA GLN A 84 -16.55 16.88 24.08
C GLN A 84 -15.50 15.80 23.77
N THR A 85 -14.58 16.15 22.88
CA THR A 85 -13.43 15.31 22.59
C THR A 85 -12.22 16.15 22.92
N GLU A 86 -11.36 15.62 23.78
CA GLU A 86 -10.17 16.32 24.27
C GLU A 86 -8.91 15.50 23.96
N ASP A 87 -7.89 16.19 23.49
CA ASP A 87 -6.56 15.60 23.34
C ASP A 87 -5.82 15.51 24.67
N VAL A 88 -5.54 14.28 25.11
CA VAL A 88 -4.76 14.02 26.31
C VAL A 88 -3.34 13.64 25.87
N GLN A 89 -2.35 14.43 26.32
CA GLN A 89 -0.96 14.28 25.87
C GLN A 89 -0.04 13.85 27.02
N PHE A 90 0.85 12.92 26.70
CA PHE A 90 2.04 12.56 27.46
C PHE A 90 3.28 12.77 26.62
N THR A 91 4.40 13.05 27.31
CA THR A 91 5.72 13.16 26.70
C THR A 91 6.65 12.09 27.34
N TRP A 92 7.51 11.53 26.50
CA TRP A 92 8.41 10.41 26.84
C TRP A 92 9.73 10.55 26.12
N THR A 93 10.81 10.39 26.86
CA THR A 93 12.11 10.47 26.22
C THR A 93 12.37 9.07 25.76
N SER A 94 12.52 8.89 24.44
CA SER A 94 12.76 7.54 23.93
C SER A 94 14.14 7.00 24.41
N PRO A 95 14.22 5.71 24.79
CA PRO A 95 15.49 5.13 25.21
C PRO A 95 16.54 5.21 24.12
N ALA A 96 17.78 5.20 24.56
CA ALA A 96 18.89 5.58 23.69
C ALA A 96 19.37 4.46 22.77
N THR A 97 18.79 3.25 22.89
CA THR A 97 19.16 2.09 22.08
C THR A 97 18.41 2.08 20.72
N ASP A 98 19.16 2.01 19.62
CA ASP A 98 18.57 2.15 18.29
C ASP A 98 17.73 0.93 17.87
N PHE A 99 16.83 1.14 16.91
CA PHE A 99 16.04 0.06 16.30
C PHE A 99 15.18 -0.72 17.27
N LYS A 100 14.19 -0.04 17.81
CA LYS A 100 13.30 -0.59 18.81
C LYS A 100 11.88 -0.12 18.54
N GLY A 101 10.97 -1.08 18.48
CA GLY A 101 9.54 -0.82 18.45
C GLY A 101 8.95 -0.93 19.85
N TYR A 102 8.01 -0.04 20.14
CA TYR A 102 7.31 -0.04 21.43
C TYR A 102 5.84 0.08 21.18
N LEU A 103 5.05 -0.29 22.19
CA LEU A 103 3.61 -0.12 22.16
C LEU A 103 3.15 0.83 23.30
N ALA A 104 2.60 1.99 22.95
CA ALA A 104 2.05 2.95 23.92
C ALA A 104 0.56 2.72 24.10
N ASP A 105 0.16 2.43 25.34
CA ASP A 105 -1.23 2.17 25.69
C ASP A 105 -1.76 3.29 26.60
N ILE A 106 -2.87 3.90 26.20
CA ILE A 106 -3.56 4.92 26.98
C ILE A 106 -4.89 4.38 27.44
N ASP A 107 -5.05 4.33 28.77
CA ASP A 107 -6.22 3.82 29.45
C ASP A 107 -6.89 5.00 30.20
N ALA A 108 -8.13 5.30 29.81
CA ALA A 108 -8.96 6.34 30.44
C ALA A 108 -10.10 5.70 31.25
N GLY A 109 -9.88 4.49 31.78
CA GLY A 109 -10.84 3.76 32.61
C GLY A 109 -12.22 3.58 31.96
N ALA A 110 -13.22 4.23 32.55
CA ALA A 110 -14.58 4.14 32.03
C ALA A 110 -14.71 4.70 30.63
N LEU A 111 -13.91 5.72 30.28
CA LEU A 111 -13.92 6.27 28.91
C LEU A 111 -13.05 5.48 27.89
N GLY A 112 -12.65 4.25 28.22
CA GLY A 112 -12.07 3.31 27.23
C GLY A 112 -10.54 3.35 27.16
N SER A 113 -9.98 2.79 26.09
CA SER A 113 -8.53 2.73 25.86
C SER A 113 -8.14 2.61 24.39
N GLY A 114 -6.88 2.88 24.14
CA GLY A 114 -6.32 2.79 22.81
C GLY A 114 -4.81 2.68 22.88
N THR A 115 -4.24 2.18 21.80
CA THR A 115 -2.78 2.08 21.66
C THR A 115 -2.25 2.64 20.37
N THR A 116 -0.96 2.97 20.41
CA THR A 116 -0.22 3.24 19.20
C THR A 116 1.22 2.74 19.35
N ALA A 117 1.81 2.44 18.21
CA ALA A 117 3.20 2.02 18.19
C ALA A 117 4.10 3.25 18.25
N ILE A 118 5.29 3.03 18.76
CA ILE A 118 6.39 3.97 18.65
C ILE A 118 7.55 3.29 17.96
N ASP A 119 8.12 3.93 16.95
CA ASP A 119 9.27 3.40 16.20
C ASP A 119 10.50 4.23 16.50
N VAL A 120 11.49 3.63 17.15
CA VAL A 120 12.79 4.28 17.32
C VAL A 120 13.77 3.66 16.34
N SER A 121 14.15 4.43 15.33
CA SER A 121 15.09 4.00 14.30
C SER A 121 15.75 5.20 13.73
N SER A 122 17.08 5.20 13.70
CA SER A 122 17.86 6.26 13.06
C SER A 122 17.80 6.19 11.54
N ASP A 123 17.36 5.05 11.03
CA ASP A 123 17.43 4.73 9.61
C ASP A 123 16.11 4.06 9.20
N PHE A 124 15.28 4.78 8.48
CA PHE A 124 13.98 4.28 8.06
C PHE A 124 14.09 3.01 7.18
N ALA A 125 15.21 2.88 6.48
CA ALA A 125 15.40 1.78 5.53
C ALA A 125 15.40 0.41 6.18
N ARG A 126 15.62 0.37 7.47
CA ARG A 126 15.54 -0.86 8.24
C ARG A 126 14.09 -1.33 8.40
N TYR A 127 13.18 -0.36 8.58
CA TYR A 127 11.76 -0.64 8.80
C TYR A 127 10.90 0.27 7.92
N PRO A 128 11.02 0.13 6.62
CA PRO A 128 10.22 0.99 5.75
C PRO A 128 8.75 0.62 5.84
N ARG A 129 7.92 1.66 5.90
CA ARG A 129 6.49 1.51 5.83
C ARG A 129 6.11 2.57 4.81
N TYR A 130 5.91 2.10 3.59
CA TYR A 130 5.94 2.96 2.39
C TYR A 130 4.54 3.23 1.94
N GLY A 131 4.22 4.51 1.80
CA GLY A 131 2.96 4.96 1.22
C GLY A 131 3.25 5.79 0.00
N TYR A 132 2.20 6.45 -0.53
CA TYR A 132 2.36 7.28 -1.70
C TYR A 132 1.57 8.58 -1.67
N VAL A 133 2.01 9.47 -2.57
CA VAL A 133 1.33 10.69 -2.96
C VAL A 133 1.26 10.64 -4.47
N SER A 134 0.09 10.89 -5.05
CA SER A 134 -0.09 10.94 -6.51
C SER A 134 -0.77 12.22 -7.02
N GLU A 135 -1.29 13.05 -6.10
CA GLU A 135 -2.09 14.22 -6.44
C GLU A 135 -1.37 15.49 -5.96
N PHE A 136 -1.18 16.40 -6.91
CA PHE A 136 -0.36 17.58 -6.76
C PHE A 136 -1.12 18.81 -7.33
N HIS A 137 -2.43 18.88 -7.08
CA HIS A 137 -3.29 19.93 -7.64
C HIS A 137 -2.94 21.34 -7.08
N PRO A 138 -3.03 22.39 -7.92
CA PRO A 138 -2.83 23.77 -7.42
C PRO A 138 -3.77 24.16 -6.29
N ASP A 139 -5.00 23.67 -6.37
CA ASP A 139 -6.04 23.93 -5.36
C ASP A 139 -5.87 23.14 -4.03
N GLU A 140 -4.86 22.27 -3.94
CA GLU A 140 -4.57 21.62 -2.65
C GLU A 140 -3.77 22.64 -1.82
N THR A 141 -4.37 23.05 -0.72
CA THR A 141 -3.74 24.01 0.17
C THR A 141 -2.79 23.27 1.12
N ALA A 142 -1.87 24.04 1.70
CA ALA A 142 -0.91 23.54 2.67
C ALA A 142 -1.57 22.72 3.78
N ALA A 143 -2.72 23.18 4.26
CA ALA A 143 -3.43 22.46 5.34
C ALA A 143 -3.91 21.06 4.88
N GLU A 144 -4.36 20.99 3.63
CA GLU A 144 -4.78 19.73 3.02
C GLU A 144 -3.59 18.82 2.75
N SER A 145 -2.48 19.37 2.26
CA SER A 145 -1.27 18.59 2.11
C SER A 145 -0.87 17.98 3.47
N ALA A 146 -0.83 18.82 4.51
CA ALA A 146 -0.43 18.37 5.87
C ALA A 146 -1.38 17.35 6.51
N ALA A 147 -2.67 17.53 6.28
CA ALA A 147 -3.68 16.59 6.75
C ALA A 147 -3.58 15.18 6.11
N LYS A 148 -3.32 15.09 4.82
CA LYS A 148 -3.22 13.76 4.21
C LYS A 148 -1.90 13.09 4.61
N ILE A 149 -0.82 13.86 4.70
CA ILE A 149 0.45 13.32 5.20
C ILE A 149 0.30 12.89 6.67
N ASP A 150 -0.23 13.79 7.51
CA ASP A 150 -0.38 13.52 8.96
C ASP A 150 -1.25 12.32 9.23
N GLU A 151 -2.34 12.17 8.47
CA GLU A 151 -3.25 11.01 8.68
C GLU A 151 -2.52 9.68 8.45
N LEU A 152 -1.79 9.58 7.34
CA LEU A 152 -1.03 8.38 7.06
C LEU A 152 0.02 8.11 8.13
N ALA A 153 0.74 9.15 8.55
CA ALA A 153 1.76 8.92 9.56
C ALA A 153 1.12 8.50 10.86
N GLN A 154 0.06 9.22 11.28
CA GLN A 154 -0.51 8.99 12.61
C GLN A 154 -1.22 7.64 12.71
N ASP A 155 -2.00 7.29 11.66
CA ASP A 155 -2.84 6.10 11.73
C ASP A 155 -2.14 4.84 11.25
N TYR A 156 -1.21 4.95 10.30
CA TYR A 156 -0.55 3.74 9.79
C TYR A 156 0.97 3.71 9.91
N LYS A 157 1.54 4.66 10.66
CA LYS A 157 2.97 4.74 10.92
C LYS A 157 3.82 4.89 9.67
N ILE A 158 3.24 5.44 8.61
CA ILE A 158 3.95 5.53 7.35
C ILE A 158 5.18 6.42 7.56
N ASN A 159 6.35 5.94 7.14
CA ASN A 159 7.61 6.69 7.35
C ASN A 159 8.33 7.07 6.05
N ALA A 160 7.70 6.77 4.92
CA ALA A 160 8.24 7.11 3.61
C ALA A 160 7.10 7.17 2.59
N TRP A 161 7.18 8.12 1.67
CA TRP A 161 6.16 8.33 0.68
C TRP A 161 6.79 8.35 -0.71
N GLN A 162 6.27 7.55 -1.64
CA GLN A 162 6.66 7.61 -3.04
C GLN A 162 5.79 8.68 -3.71
N PHE A 163 6.42 9.69 -4.26
CA PHE A 163 5.74 10.78 -4.92
C PHE A 163 5.65 10.34 -6.36
N TYR A 164 4.46 9.88 -6.77
CA TYR A 164 4.27 9.19 -8.05
C TYR A 164 3.81 10.21 -9.10
N ASP A 165 4.52 10.29 -10.23
CA ASP A 165 4.12 11.18 -11.33
C ASP A 165 4.01 12.66 -10.93
N TRP A 166 4.99 13.09 -10.16
CA TRP A 166 5.17 14.49 -9.79
C TRP A 166 5.86 15.26 -10.93
N MET A 167 6.63 14.55 -11.76
CA MET A 167 7.53 15.20 -12.71
C MET A 167 6.81 15.75 -13.93
N TRP A 168 7.45 16.71 -14.59
CA TRP A 168 6.93 17.28 -15.83
C TRP A 168 7.10 16.30 -17.01
N ARG A 169 8.35 16.02 -17.35
CA ARG A 169 8.71 15.00 -18.33
C ARG A 169 9.64 13.97 -17.66
N HIS A 170 9.61 12.73 -18.16
CA HIS A 170 10.39 11.65 -17.56
C HIS A 170 11.86 11.93 -17.57
N GLU A 171 12.31 12.74 -18.54
CA GLU A 171 13.74 13.11 -18.63
C GLU A 171 14.05 14.55 -18.21
N THR A 172 13.04 15.41 -18.14
CA THR A 172 13.22 16.79 -17.69
C THR A 172 12.15 17.03 -16.62
N MET A 173 12.57 16.91 -15.37
CA MET A 173 11.63 16.58 -14.31
C MET A 173 10.97 17.80 -13.73
N ILE A 174 11.75 18.87 -13.57
CA ILE A 174 11.25 20.19 -13.19
C ILE A 174 11.13 21.05 -14.46
N LYS A 175 9.98 21.71 -14.62
CA LYS A 175 9.73 22.59 -15.77
C LYS A 175 10.20 23.97 -15.42
N ARG A 176 11.13 24.47 -16.24
CA ARG A 176 11.70 25.80 -16.05
C ARG A 176 11.49 26.69 -17.29
N THR A 177 11.22 27.97 -17.06
CA THR A 177 11.35 28.98 -18.12
C THR A 177 12.61 29.78 -17.77
N GLY A 178 13.68 29.53 -18.52
CA GLY A 178 14.98 30.11 -18.24
C GLY A 178 15.51 29.58 -16.93
N SER A 179 15.53 30.43 -15.92
CA SER A 179 15.97 30.06 -14.56
C SER A 179 14.84 30.11 -13.53
N ALA A 180 13.63 30.45 -13.97
CA ALA A 180 12.46 30.48 -13.08
C ALA A 180 11.75 29.12 -13.20
N ILE A 181 11.51 28.48 -12.05
CA ILE A 181 10.68 27.26 -12.02
C ILE A 181 9.23 27.65 -12.25
N ASP A 182 8.60 27.05 -13.28
CA ASP A 182 7.17 27.30 -13.51
C ASP A 182 6.33 26.94 -12.28
N SER A 183 5.28 27.72 -12.08
CA SER A 183 4.41 27.58 -10.94
C SER A 183 3.65 26.25 -11.02
N THR A 184 3.23 25.91 -12.24
CA THR A 184 2.51 24.68 -12.51
C THR A 184 3.01 24.10 -13.85
N TRP A 185 2.73 22.83 -14.06
CA TRP A 185 3.06 22.17 -15.31
C TRP A 185 2.13 21.01 -15.53
N ILE A 186 2.15 20.51 -16.76
CA ILE A 186 1.13 19.60 -17.25
C ILE A 186 1.84 18.28 -17.49
N ASP A 187 1.41 17.20 -16.82
CA ASP A 187 2.10 15.87 -16.95
C ASP A 187 1.66 15.11 -18.17
N LEU A 188 2.17 13.90 -18.34
CA LEU A 188 1.87 13.12 -19.56
C LEU A 188 0.41 12.71 -19.75
N PHE A 189 -0.39 12.70 -18.69
CA PHE A 189 -1.83 12.46 -18.80
C PHE A 189 -2.65 13.73 -18.64
N ASN A 190 -2.05 14.87 -19.03
CA ASN A 190 -2.67 16.20 -18.99
C ASN A 190 -3.14 16.68 -17.62
N ARG A 191 -2.49 16.19 -16.57
CA ARG A 191 -2.85 16.63 -15.21
C ARG A 191 -2.02 17.86 -14.83
N GLU A 192 -2.67 18.81 -14.16
CA GLU A 192 -2.03 20.04 -13.72
C GLU A 192 -1.37 19.76 -12.38
N ILE A 193 -0.07 20.00 -12.33
CA ILE A 193 0.77 19.75 -11.17
C ILE A 193 1.34 21.09 -10.68
N SER A 194 1.13 21.39 -9.39
CA SER A 194 1.70 22.59 -8.75
C SER A 194 3.02 22.30 -8.03
N TRP A 195 4.02 23.12 -8.33
CA TRP A 195 5.32 23.08 -7.68
C TRP A 195 5.21 23.33 -6.20
N GLN A 196 4.36 24.29 -5.83
CA GLN A 196 4.19 24.67 -4.41
C GLN A 196 3.55 23.54 -3.63
N THR A 197 2.57 22.88 -4.24
CA THR A 197 1.93 21.71 -3.64
C THR A 197 2.92 20.56 -3.35
N ILE A 198 3.77 20.25 -4.32
CA ILE A 198 4.83 19.25 -4.15
C ILE A 198 5.68 19.62 -2.94
N GLN A 199 6.20 20.85 -2.94
CA GLN A 199 7.02 21.36 -1.81
C GLN A 199 6.32 21.28 -0.45
N ASN A 200 5.05 21.66 -0.42
CA ASN A 200 4.29 21.64 0.84
C ASN A 200 4.11 20.20 1.34
N GLN A 201 3.92 19.25 0.43
CA GLN A 201 3.83 17.83 0.82
C GLN A 201 5.16 17.32 1.33
N ILE A 202 6.23 17.68 0.64
CA ILE A 202 7.59 17.32 1.10
C ILE A 202 7.86 17.80 2.55
N ASP A 203 7.56 19.07 2.82
CA ASP A 203 7.74 19.62 4.16
C ASP A 203 6.87 18.91 5.17
N ALA A 204 5.61 18.63 4.82
CA ALA A 204 4.77 17.85 5.74
C ALA A 204 5.35 16.46 6.02
N VAL A 205 5.94 15.82 4.99
CA VAL A 205 6.61 14.53 5.17
C VAL A 205 7.78 14.66 6.16
N HIS A 206 8.63 15.65 5.93
CA HIS A 206 9.73 15.90 6.87
C HIS A 206 9.28 16.26 8.27
N ASP A 207 8.17 16.95 8.43
CA ASP A 207 7.57 17.17 9.76
C ASP A 207 7.13 15.91 10.51
N GLN A 208 6.99 14.79 9.80
CA GLN A 208 6.75 13.49 10.42
C GLN A 208 7.98 12.62 10.55
N ASN A 209 9.17 13.24 10.35
CA ASN A 209 10.45 12.55 10.19
C ASN A 209 10.38 11.52 9.07
N GLY A 210 9.63 11.82 8.00
CA GLY A 210 9.45 10.91 6.89
C GLY A 210 10.46 11.12 5.80
N ALA A 211 10.58 10.14 4.92
CA ALA A 211 11.37 10.28 3.71
C ALA A 211 10.46 10.47 2.51
N ALA A 212 10.83 11.41 1.64
CA ALA A 212 10.09 11.77 0.45
C ALA A 212 10.89 11.25 -0.72
N MET A 213 10.35 10.22 -1.41
CA MET A 213 11.05 9.55 -2.48
C MET A 213 10.46 9.98 -3.81
N ALA A 214 11.29 10.53 -4.68
CA ALA A 214 10.86 10.99 -6.00
C ALA A 214 10.81 9.87 -7.01
N TYR A 215 9.64 9.61 -7.57
CA TYR A 215 9.49 8.65 -8.66
C TYR A 215 10.29 9.15 -9.85
N ALA A 216 10.98 8.22 -10.48
CA ALA A 216 11.65 8.49 -11.74
C ALA A 216 11.89 7.19 -12.44
N MET A 217 11.99 7.22 -13.76
CA MET A 217 12.31 6.03 -14.53
C MET A 217 13.83 5.88 -14.61
N ILE A 218 14.27 4.63 -14.70
CA ILE A 218 15.67 4.33 -14.98
C ILE A 218 16.09 4.77 -16.39
N TYR A 219 15.17 4.73 -17.34
CA TYR A 219 15.54 4.77 -18.75
C TYR A 219 14.56 5.40 -19.70
N ALA A 220 13.79 6.41 -19.28
CA ALA A 220 12.70 6.92 -20.12
C ALA A 220 12.88 8.38 -20.44
N ALA A 221 12.48 8.74 -21.66
CA ALA A 221 12.33 10.13 -22.04
C ALA A 221 11.12 10.32 -22.92
N ARG A 222 10.51 11.49 -22.80
CA ARG A 222 9.32 11.80 -23.57
C ARG A 222 9.68 12.11 -25.04
N GLU A 223 8.64 12.20 -25.87
CA GLU A 223 8.77 12.58 -27.30
C GLU A 223 9.58 13.86 -27.47
N ASP A 224 10.22 14.00 -28.65
CA ASP A 224 11.04 15.18 -29.00
C ASP A 224 12.23 15.37 -28.06
N TYR A 225 12.71 14.25 -27.52
CA TYR A 225 13.78 14.24 -26.54
C TYR A 225 15.09 14.83 -27.02
N GLU A 226 15.30 14.87 -28.34
CA GLU A 226 16.50 15.51 -28.92
C GLU A 226 16.55 17.02 -28.56
N SER A 227 15.38 17.64 -28.49
CA SER A 227 15.26 19.06 -28.07
C SER A 227 15.57 19.33 -26.59
N TYR A 228 15.64 18.30 -25.74
CA TYR A 228 15.91 18.46 -24.30
C TYR A 228 17.30 17.96 -23.86
N GLY A 229 18.18 17.74 -24.84
CA GLY A 229 19.58 17.40 -24.56
C GLY A 229 19.87 15.91 -24.47
N VAL A 230 18.95 15.09 -24.96
CA VAL A 230 19.09 13.63 -24.96
C VAL A 230 19.39 13.10 -26.36
N ASP A 231 20.51 12.37 -26.48
CA ASP A 231 20.98 11.82 -27.75
C ASP A 231 20.31 10.47 -28.05
N SER A 232 19.80 10.31 -29.27
CA SER A 232 19.20 9.03 -29.70
C SER A 232 20.23 7.89 -29.85
N GLU A 233 21.52 8.22 -29.85
CA GLU A 233 22.58 7.19 -29.77
C GLU A 233 22.55 6.41 -28.45
N TRP A 234 21.95 7.00 -27.41
CA TRP A 234 21.89 6.36 -26.08
C TRP A 234 20.76 5.33 -25.96
N GLY A 235 19.82 5.35 -26.90
CA GLY A 235 18.63 4.52 -26.87
C GLY A 235 18.86 3.02 -26.93
N ILE A 236 17.76 2.28 -26.79
CA ILE A 236 17.73 0.83 -26.99
C ILE A 236 16.67 0.47 -28.04
N TYR A 237 16.95 -0.61 -28.79
CA TYR A 237 16.26 -0.87 -30.06
C TYR A 237 15.80 -2.34 -30.17
N GLN A 238 14.75 -2.58 -30.97
CA GLN A 238 14.24 -3.94 -31.22
C GLN A 238 15.03 -4.73 -32.30
N ASP A 239 15.95 -4.03 -32.99
CA ASP A 239 16.69 -4.51 -34.16
C ASP A 239 18.16 -3.99 -34.15
N PRO A 240 19.07 -4.66 -34.89
CA PRO A 240 20.48 -4.17 -34.85
C PRO A 240 20.82 -2.92 -35.71
N ASN A 241 19.83 -2.32 -36.39
CA ASN A 241 20.05 -1.22 -37.34
C ASN A 241 19.50 0.12 -36.85
N HIS A 242 19.35 0.25 -35.54
CA HIS A 242 18.71 1.40 -34.89
C HIS A 242 17.46 1.96 -35.61
N LEU A 243 16.59 1.07 -36.06
CA LEU A 243 15.38 1.48 -36.78
C LEU A 243 14.24 1.83 -35.81
N GLN A 244 13.88 0.87 -34.97
CA GLN A 244 12.71 1.00 -34.07
C GLN A 244 13.15 1.03 -32.59
N GLN A 245 13.28 2.24 -32.03
CA GLN A 245 13.60 2.40 -30.60
C GLN A 245 12.45 1.86 -29.74
N LEU A 246 12.79 1.18 -28.64
CA LEU A 246 11.75 0.69 -27.72
C LEU A 246 11.01 1.90 -27.17
N ASP A 247 9.68 1.81 -27.18
CA ASP A 247 8.84 2.89 -26.72
C ASP A 247 7.62 2.38 -25.99
N VAL A 248 6.85 3.30 -25.44
CA VAL A 248 5.49 3.04 -24.98
C VAL A 248 4.64 4.03 -25.77
N ASP A 249 3.67 3.50 -26.53
CA ASP A 249 2.70 4.30 -27.28
C ASP A 249 1.47 4.49 -26.39
N PHE A 250 1.18 5.74 -26.02
CA PHE A 250 -0.03 6.05 -25.25
C PHE A 250 -1.28 6.22 -26.12
N GLY A 251 -1.15 5.98 -27.43
CA GLY A 251 -2.31 5.73 -28.30
C GLY A 251 -3.02 6.98 -28.78
N ASN A 252 -2.28 8.08 -28.83
CA ASN A 252 -2.79 9.34 -29.35
C ASN A 252 -1.88 9.90 -30.45
N ASN A 253 -0.99 9.07 -30.99
CA ASN A 253 -0.03 9.48 -32.02
C ASN A 253 0.71 10.77 -31.62
N SER A 254 1.25 10.82 -30.41
CA SER A 254 1.90 12.06 -29.90
C SER A 254 2.72 11.87 -28.62
N THR A 255 2.06 11.30 -27.62
CA THR A 255 2.64 11.04 -26.32
C THR A 255 3.25 9.66 -26.34
N TYR A 256 4.58 9.64 -26.22
CA TYR A 256 5.38 8.42 -26.14
C TYR A 256 6.41 8.55 -25.02
N MET A 257 6.80 7.40 -24.44
CA MET A 257 8.07 7.30 -23.70
C MET A 257 9.05 6.51 -24.57
N TYR A 258 10.27 7.00 -24.72
CA TYR A 258 11.30 6.27 -25.45
C TYR A 258 12.27 5.74 -24.45
N LEU A 259 12.72 4.50 -24.67
CA LEU A 259 13.60 3.82 -23.75
C LEU A 259 15.06 3.93 -24.17
N PHE A 260 15.93 3.91 -23.17
CA PHE A 260 17.35 4.14 -23.27
C PHE A 260 18.13 3.04 -22.55
N ASN A 261 19.45 3.06 -22.68
CA ASN A 261 20.33 2.00 -22.18
C ASN A 261 20.87 2.40 -20.82
N PRO A 262 20.49 1.67 -19.76
CA PRO A 262 21.00 2.04 -18.43
C PRO A 262 22.52 1.89 -18.27
N ALA A 263 23.13 0.96 -19.01
CA ALA A 263 24.62 0.81 -19.02
C ALA A 263 25.39 1.98 -19.70
N ASN A 264 24.77 2.65 -20.66
CA ASN A 264 25.38 3.82 -21.35
C ASN A 264 25.70 4.96 -20.37
N THR A 265 26.99 5.31 -20.23
CA THR A 265 27.44 6.31 -19.22
C THR A 265 27.03 7.77 -19.49
N ASP A 266 26.63 8.07 -20.72
CA ASP A 266 26.12 9.41 -21.05
C ASP A 266 24.63 9.54 -20.67
N TRP A 267 23.85 8.48 -20.89
CA TRP A 267 22.46 8.47 -20.38
C TRP A 267 22.49 8.59 -18.87
N GLN A 268 23.36 7.81 -18.22
CA GLN A 268 23.61 7.87 -16.77
C GLN A 268 23.86 9.29 -16.32
N SER A 269 24.81 9.94 -16.99
CA SER A 269 25.25 11.27 -16.60
C SER A 269 24.10 12.28 -16.69
N PHE A 270 23.32 12.18 -17.75
CA PHE A 270 22.19 13.06 -17.98
C PHE A 270 21.08 12.85 -16.94
N ILE A 271 20.68 11.60 -16.78
CA ILE A 271 19.52 11.29 -15.92
C ILE A 271 19.86 11.40 -14.42
N HIS A 272 21.09 11.06 -14.05
CA HIS A 272 21.53 11.22 -12.66
C HIS A 272 21.60 12.69 -12.26
N ALA A 273 21.86 13.58 -13.23
CA ALA A 273 21.86 15.01 -12.92
C ALA A 273 20.41 15.47 -12.66
N GLN A 274 19.45 14.91 -13.38
CA GLN A 274 18.03 15.15 -13.08
C GLN A 274 17.63 14.68 -11.68
N TYR A 275 18.07 13.47 -11.31
CA TYR A 275 17.88 12.97 -9.92
C TYR A 275 18.39 14.01 -8.91
N LEU A 276 19.59 14.53 -9.16
CA LEU A 276 20.20 15.50 -8.25
C LEU A 276 19.46 16.82 -8.22
N ASP A 277 18.96 17.25 -9.38
CA ASP A 277 18.12 18.44 -9.47
C ASP A 277 16.84 18.27 -8.62
N ALA A 278 16.26 17.05 -8.65
CA ALA A 278 15.11 16.74 -7.83
C ALA A 278 15.51 16.77 -6.36
N ILE A 279 16.64 16.16 -6.01
CA ILE A 279 17.09 16.22 -4.60
C ILE A 279 17.32 17.65 -4.16
N ASN A 280 18.11 18.39 -4.94
CA ASN A 280 18.58 19.71 -4.52
C ASN A 280 17.52 20.83 -4.61
N THR A 281 16.66 20.80 -5.62
CA THR A 281 15.66 21.85 -5.80
C THR A 281 14.40 21.62 -4.91
N ALA A 282 13.86 20.39 -4.90
CA ALA A 282 12.64 20.07 -4.11
C ALA A 282 12.91 19.64 -2.66
N GLY A 283 14.07 19.06 -2.41
CA GLY A 283 14.41 18.52 -1.10
C GLY A 283 13.99 17.07 -0.88
N PHE A 284 13.72 16.31 -1.95
CA PHE A 284 13.47 14.89 -1.85
C PHE A 284 14.65 14.25 -1.16
N ASP A 285 14.36 13.17 -0.42
CA ASP A 285 15.37 12.40 0.28
C ASP A 285 16.07 11.37 -0.57
N GLY A 286 15.56 11.15 -1.77
CA GLY A 286 16.00 10.01 -2.55
C GLY A 286 15.13 9.79 -3.77
N ILE A 287 15.47 8.73 -4.50
CA ILE A 287 14.81 8.42 -5.77
C ILE A 287 14.21 7.04 -5.75
N HIS A 288 12.94 6.98 -6.14
CA HIS A 288 12.26 5.72 -6.39
C HIS A 288 12.37 5.40 -7.88
N VAL A 289 13.31 4.51 -8.24
CA VAL A 289 13.59 4.25 -9.67
C VAL A 289 12.67 3.14 -10.18
N ASP A 290 11.83 3.46 -11.16
CA ASP A 290 10.92 2.49 -11.77
C ASP A 290 11.49 1.92 -13.09
N GLN A 291 10.82 0.89 -13.62
CA GLN A 291 11.07 0.31 -14.93
C GLN A 291 9.81 -0.40 -15.42
N MET A 292 9.79 -0.82 -16.69
CA MET A 292 8.60 -1.43 -17.32
C MET A 292 8.57 -2.95 -17.19
N GLY A 293 9.69 -3.55 -16.80
CA GLY A 293 9.80 -5.01 -16.72
C GLY A 293 10.44 -5.64 -17.95
N GLN A 294 10.26 -6.96 -18.07
CA GLN A 294 11.01 -7.78 -19.03
C GLN A 294 10.85 -7.32 -20.49
N ARG A 295 11.98 -6.98 -21.11
CA ARG A 295 12.12 -6.81 -22.54
C ARG A 295 13.19 -7.79 -23.03
N ASN A 296 12.87 -8.54 -24.08
CA ASN A 296 13.79 -9.52 -24.68
C ASN A 296 14.37 -8.99 -25.99
N ASN A 297 15.57 -9.46 -26.33
CA ASN A 297 16.23 -9.17 -27.62
C ASN A 297 16.37 -7.67 -27.81
N VAL A 298 17.32 -7.10 -27.08
CA VAL A 298 17.46 -5.66 -27.03
C VAL A 298 18.88 -5.29 -27.46
N TYR A 299 18.99 -4.22 -28.24
CA TYR A 299 20.25 -3.80 -28.85
C TYR A 299 20.50 -2.34 -28.54
N ASP A 300 21.75 -1.93 -28.39
CA ASP A 300 22.07 -0.48 -28.41
C ASP A 300 21.98 0.05 -29.88
N TYR A 301 22.32 1.32 -30.07
CA TYR A 301 22.30 2.01 -31.39
C TYR A 301 23.12 1.26 -32.43
N TRP A 302 24.33 0.89 -32.02
CA TRP A 302 25.37 0.29 -32.86
C TRP A 302 25.09 -1.18 -33.22
N GLY A 303 23.98 -1.75 -32.72
CA GLY A 303 23.56 -3.11 -33.05
C GLY A 303 24.11 -4.22 -32.18
N ASN A 304 24.81 -3.90 -31.09
CA ASN A 304 25.27 -4.92 -30.13
C ASN A 304 24.08 -5.43 -29.29
N PRO A 305 23.94 -6.77 -29.12
CA PRO A 305 22.92 -7.26 -28.19
C PRO A 305 23.29 -6.91 -26.75
N LEU A 306 22.29 -6.62 -25.92
CA LEU A 306 22.52 -6.34 -24.49
C LEU A 306 21.98 -7.46 -23.64
N ASN A 307 22.77 -7.91 -22.66
CA ASN A 307 22.21 -8.61 -21.51
C ASN A 307 21.46 -7.53 -20.72
N PHE A 308 20.16 -7.38 -21.04
CA PHE A 308 19.42 -6.19 -20.59
C PHE A 308 19.28 -6.07 -19.07
N PRO A 309 18.86 -7.16 -18.39
CA PRO A 309 18.76 -7.07 -16.94
C PRO A 309 20.08 -6.85 -16.21
N ALA A 310 21.19 -7.16 -16.85
CA ALA A 310 22.52 -6.90 -16.27
C ALA A 310 22.93 -5.44 -16.31
N THR A 311 22.19 -4.58 -17.03
CA THR A 311 22.49 -3.12 -17.07
C THR A 311 22.02 -2.32 -15.85
N PHE A 312 21.06 -2.89 -15.13
CA PHE A 312 20.38 -2.15 -14.06
C PHE A 312 21.29 -1.90 -12.88
N THR A 313 21.99 -2.94 -12.43
CA THR A 313 22.85 -2.82 -11.24
C THR A 313 23.98 -1.75 -11.38
N PRO A 314 24.69 -1.73 -12.54
CA PRO A 314 25.64 -0.62 -12.74
C PRO A 314 25.00 0.78 -12.70
N PHE A 315 23.82 0.92 -13.28
CA PHE A 315 23.10 2.19 -13.28
C PHE A 315 22.80 2.61 -11.86
N ILE A 316 22.23 1.66 -11.10
CA ILE A 316 21.79 1.93 -9.75
C ILE A 316 22.97 2.31 -8.88
N ASN A 317 24.06 1.56 -8.97
CA ASN A 317 25.26 1.82 -8.14
C ASN A 317 25.95 3.13 -8.43
N GLU A 318 25.98 3.48 -9.72
CA GLU A 318 26.51 4.77 -10.13
C GLU A 318 25.55 5.88 -9.62
N ALA A 319 24.25 5.65 -9.75
CA ALA A 319 23.25 6.58 -9.21
C ALA A 319 23.44 6.80 -7.71
N LYS A 320 23.61 5.70 -6.96
CA LYS A 320 23.81 5.76 -5.52
C LYS A 320 25.06 6.60 -5.17
N SER A 321 26.17 6.30 -5.86
CA SER A 321 27.43 7.06 -5.65
C SER A 321 27.28 8.53 -5.99
N THR A 322 26.62 8.83 -7.10
CA THR A 322 26.40 10.22 -7.50
C THR A 322 25.55 10.94 -6.43
N LEU A 323 24.51 10.27 -5.93
CA LEU A 323 23.65 10.85 -4.90
C LEU A 323 24.37 11.06 -3.58
N THR A 324 25.19 10.10 -3.21
CA THR A 324 25.95 10.17 -1.97
C THR A 324 26.97 11.35 -2.02
N ALA A 325 27.62 11.54 -3.16
CA ALA A 325 28.55 12.66 -3.32
C ALA A 325 27.83 14.02 -3.23
N ASN A 326 26.61 14.09 -3.75
CA ASN A 326 25.85 15.35 -3.74
C ASN A 326 25.39 15.72 -2.32
N ASN A 327 24.92 14.74 -1.57
CA ASN A 327 24.33 14.97 -0.24
C ASN A 327 24.09 13.58 0.36
N SER A 328 24.86 13.26 1.41
CA SER A 328 24.88 11.91 1.99
C SER A 328 23.75 11.68 3.01
N ASP A 329 23.00 12.74 3.33
CA ASP A 329 21.74 12.67 4.11
C ASP A 329 20.49 12.55 3.22
N LYS A 330 20.61 12.81 1.90
CA LYS A 330 19.51 12.73 0.95
C LYS A 330 19.95 11.94 -0.27
N ASP A 331 20.45 10.74 0.01
CA ASP A 331 21.02 9.85 -0.99
C ASP A 331 20.26 8.49 -1.14
N ARG A 332 19.00 8.44 -0.73
CA ARG A 332 18.25 7.19 -0.73
C ARG A 332 17.89 6.74 -2.14
N ILE A 333 17.90 5.42 -2.36
CA ILE A 333 17.52 4.85 -3.64
C ILE A 333 16.85 3.50 -3.49
N THR A 334 15.85 3.25 -4.33
CA THR A 334 15.37 1.88 -4.54
C THR A 334 15.10 1.70 -6.02
N TYR A 335 14.94 0.44 -6.42
CA TYR A 335 14.69 0.09 -7.81
C TYR A 335 13.62 -0.97 -7.82
N ASN A 336 12.61 -0.76 -8.66
CA ASN A 336 11.53 -1.71 -8.78
C ASN A 336 11.92 -2.97 -9.55
N ILE A 337 11.99 -4.09 -8.85
CA ILE A 337 12.10 -5.40 -9.47
C ILE A 337 10.70 -5.87 -9.92
N VAL A 338 10.43 -5.70 -11.22
CA VAL A 338 9.12 -5.98 -11.83
C VAL A 338 8.92 -7.46 -12.08
N ASP A 339 7.71 -7.91 -11.76
CA ASP A 339 7.25 -9.31 -11.89
C ASP A 339 8.07 -10.24 -11.02
N GLY A 340 8.07 -9.93 -9.73
CA GLY A 340 8.98 -10.59 -8.83
C GLY A 340 8.64 -12.04 -8.57
N THR A 341 9.67 -12.86 -8.51
CA THR A 341 9.51 -14.30 -8.24
C THR A 341 10.90 -14.88 -8.03
N VAL A 342 11.02 -16.05 -7.40
CA VAL A 342 12.34 -16.70 -7.23
C VAL A 342 13.04 -16.76 -8.60
N ASP A 343 14.25 -16.20 -8.70
CA ASP A 343 15.07 -16.20 -9.94
C ASP A 343 14.38 -15.47 -11.10
N GLY A 344 13.50 -14.54 -10.75
CA GLY A 344 12.78 -13.76 -11.71
C GLY A 344 13.71 -12.84 -12.46
N TRP A 345 13.16 -12.17 -13.45
CA TRP A 345 13.94 -11.34 -14.32
C TRP A 345 14.51 -10.12 -13.58
N ALA A 346 15.84 -10.03 -13.62
CA ALA A 346 16.62 -9.02 -12.91
C ALA A 346 16.66 -9.18 -11.38
N ALA A 347 16.00 -10.20 -10.82
CA ALA A 347 15.78 -10.28 -9.37
C ALA A 347 17.06 -10.55 -8.57
N ASN A 348 17.77 -11.62 -8.96
CA ASN A 348 19.07 -11.97 -8.35
C ASN A 348 20.17 -10.91 -8.59
N GLU A 349 20.14 -10.31 -9.78
CA GLU A 349 21.08 -9.26 -10.20
C GLU A 349 20.94 -8.01 -9.30
N VAL A 350 19.70 -7.56 -9.10
CA VAL A 350 19.45 -6.37 -8.30
C VAL A 350 19.61 -6.67 -6.79
N SER A 351 19.00 -7.76 -6.32
CA SER A 351 19.02 -8.04 -4.88
C SER A 351 20.42 -8.41 -4.38
N GLY A 352 21.16 -9.15 -5.20
CA GLY A 352 22.52 -9.55 -4.87
C GLY A 352 23.63 -8.54 -5.18
N GLY A 353 23.39 -7.56 -6.07
CA GLY A 353 24.44 -6.61 -6.47
C GLY A 353 24.19 -5.10 -6.35
N ALA A 354 22.95 -4.66 -6.19
CA ALA A 354 22.64 -3.22 -6.27
C ALA A 354 22.55 -2.61 -4.87
N ASP A 355 23.19 -1.45 -4.68
CA ASP A 355 23.19 -0.72 -3.40
C ASP A 355 21.89 0.05 -3.16
N VAL A 356 20.74 -0.60 -3.32
CA VAL A 356 19.45 0.01 -2.93
C VAL A 356 19.38 0.06 -1.41
N ASP A 357 18.82 1.12 -0.82
CA ASP A 357 18.68 1.16 0.65
C ASP A 357 17.72 0.08 1.15
N PHE A 358 16.69 -0.17 0.36
CA PHE A 358 15.75 -1.26 0.62
C PHE A 358 15.28 -1.78 -0.72
N LEU A 359 14.83 -3.03 -0.71
CA LEU A 359 14.36 -3.68 -1.92
C LEU A 359 12.87 -3.42 -2.11
N TYR A 360 12.50 -3.32 -3.37
CA TYR A 360 11.15 -3.08 -3.77
C TYR A 360 10.89 -3.95 -4.95
N SER A 361 9.71 -4.58 -4.95
CA SER A 361 9.33 -5.48 -6.02
C SER A 361 7.84 -5.44 -6.27
N GLU A 362 7.49 -5.28 -7.54
CA GLU A 362 6.12 -5.30 -8.01
C GLU A 362 5.73 -6.73 -8.37
N ILE A 363 4.74 -7.29 -7.69
CA ILE A 363 4.37 -8.67 -7.86
C ILE A 363 3.22 -8.76 -8.85
N TRP A 364 3.37 -9.65 -9.86
CA TRP A 364 2.30 -9.91 -10.84
C TRP A 364 1.78 -11.32 -10.71
N HIS A 365 2.09 -12.23 -11.66
CA HIS A 365 1.58 -13.60 -11.58
C HIS A 365 2.59 -14.74 -11.58
N LEU A 366 3.84 -14.46 -11.28
CA LEU A 366 4.85 -15.49 -11.14
C LEU A 366 5.04 -15.95 -9.67
N SER A 367 4.35 -15.29 -8.73
CA SER A 367 4.31 -15.72 -7.33
C SER A 367 2.88 -15.59 -6.78
N ASP A 368 1.95 -16.32 -7.39
CA ASP A 368 0.52 -16.18 -7.08
C ASP A 368 0.09 -16.74 -5.72
N SER A 369 0.77 -17.78 -5.23
CA SER A 369 0.42 -18.37 -3.94
C SER A 369 1.18 -17.73 -2.80
N TYR A 370 0.64 -17.88 -1.60
CA TYR A 370 1.32 -17.37 -0.41
C TYR A 370 2.74 -17.96 -0.33
N ILE A 371 2.88 -19.26 -0.57
CA ILE A 371 4.16 -19.91 -0.31
C ILE A 371 5.17 -19.49 -1.37
N GLN A 372 4.70 -19.26 -2.60
CA GLN A 372 5.58 -18.77 -3.66
C GLN A 372 6.07 -17.35 -3.35
N LEU A 373 5.20 -16.54 -2.79
CA LEU A 373 5.55 -15.18 -2.44
C LEU A 373 6.53 -15.19 -1.29
N LYS A 374 6.28 -16.02 -0.29
CA LYS A 374 7.22 -16.25 0.78
C LYS A 374 8.58 -16.66 0.24
N ASP A 375 8.61 -17.67 -0.64
CA ASP A 375 9.88 -18.15 -1.16
C ASP A 375 10.66 -17.02 -1.82
N TYR A 376 9.93 -16.13 -2.51
CA TYR A 376 10.53 -14.96 -3.16
C TYR A 376 11.11 -13.97 -2.16
N ILE A 377 10.36 -13.66 -1.12
CA ILE A 377 10.84 -12.72 -0.12
C ILE A 377 12.09 -13.32 0.54
N ASP A 378 12.03 -14.59 0.92
CA ASP A 378 13.23 -15.27 1.49
C ASP A 378 14.48 -15.14 0.59
N SER A 379 14.30 -15.30 -0.72
CA SER A 379 15.46 -15.27 -1.61
C SER A 379 16.03 -13.84 -1.77
N LEU A 380 15.17 -12.84 -1.79
CA LEU A 380 15.59 -11.45 -1.75
C LEU A 380 16.41 -11.17 -0.48
N LYS A 381 15.96 -11.69 0.65
CA LYS A 381 16.67 -11.48 1.90
C LYS A 381 18.05 -12.16 1.84
N ALA A 382 18.07 -13.43 1.45
CA ALA A 382 19.33 -14.20 1.39
C ALA A 382 20.35 -13.57 0.43
N ASN A 383 19.88 -13.05 -0.69
CA ASN A 383 20.75 -12.45 -1.71
C ASN A 383 21.35 -11.13 -1.29
N SER A 384 20.65 -10.39 -0.41
CA SER A 384 20.90 -8.98 -0.20
C SER A 384 21.53 -8.67 1.15
N GLY A 385 21.75 -9.67 1.98
CA GLY A 385 22.18 -9.43 3.35
C GLY A 385 21.05 -8.90 4.23
N ASN A 386 19.86 -9.49 4.09
CA ASN A 386 18.65 -9.18 4.89
C ASN A 386 18.22 -7.70 4.85
N LYS A 387 18.31 -7.09 3.67
CA LYS A 387 17.69 -5.81 3.44
C LYS A 387 16.16 -5.90 3.66
N ALA A 388 15.54 -4.78 3.98
CA ALA A 388 14.10 -4.72 4.01
C ALA A 388 13.56 -4.94 2.59
N VAL A 389 12.35 -5.48 2.54
CA VAL A 389 11.63 -5.77 1.30
C VAL A 389 10.26 -5.10 1.37
N VAL A 390 9.99 -4.26 0.37
CA VAL A 390 8.67 -3.68 0.18
C VAL A 390 8.05 -4.24 -1.08
N LEU A 391 6.80 -4.67 -1.01
CA LEU A 391 6.09 -5.28 -2.18
C LEU A 391 4.96 -4.41 -2.65
N ALA A 392 4.94 -4.12 -3.94
CA ALA A 392 3.78 -3.57 -4.61
C ALA A 392 2.99 -4.76 -5.15
N ALA A 393 1.75 -4.91 -4.72
CA ALA A 393 0.99 -6.11 -4.90
C ALA A 393 -0.45 -5.69 -4.82
N TYR A 394 -1.00 -5.31 -5.97
CA TYR A 394 -2.24 -4.57 -6.05
C TYR A 394 -3.43 -5.48 -5.78
N MET A 395 -4.03 -5.27 -4.61
CA MET A 395 -5.05 -6.18 -4.10
C MET A 395 -6.34 -6.10 -4.90
N ASN A 396 -6.96 -7.26 -5.07
CA ASN A 396 -8.23 -7.42 -5.78
C ASN A 396 -8.24 -6.83 -7.21
N TYR A 397 -7.07 -6.80 -7.84
CA TYR A 397 -6.83 -6.19 -9.14
C TYR A 397 -7.86 -6.61 -10.16
N ARG A 398 -8.48 -5.63 -10.80
CA ARG A 398 -9.53 -5.82 -11.83
C ARG A 398 -10.79 -6.59 -11.45
N GLU A 399 -10.97 -6.95 -10.17
CA GLU A 399 -12.22 -7.55 -9.73
C GLU A 399 -13.26 -6.47 -9.56
N ASN A 400 -14.46 -6.71 -10.11
CA ASN A 400 -15.55 -5.74 -10.04
C ASN A 400 -16.44 -6.12 -8.87
N ILE A 401 -15.86 -5.94 -7.69
CA ILE A 401 -16.46 -6.36 -6.43
C ILE A 401 -16.99 -5.15 -5.67
N GLY A 402 -18.01 -5.39 -4.86
CA GLY A 402 -18.76 -4.36 -4.13
C GLY A 402 -20.26 -4.46 -4.40
N ASP A 403 -21.05 -3.60 -3.74
CA ASP A 403 -22.51 -3.54 -3.92
C ASP A 403 -22.89 -3.21 -5.35
N ARG A 404 -23.70 -4.06 -5.95
CA ARG A 404 -23.98 -4.01 -7.39
C ARG A 404 -25.45 -3.58 -7.63
N TYR A 405 -25.63 -2.61 -8.53
CA TYR A 405 -26.94 -2.07 -8.92
C TYR A 405 -27.10 -2.25 -10.43
N GLU A 406 -27.99 -3.17 -10.80
CA GLU A 406 -28.21 -3.55 -12.20
C GLU A 406 -28.91 -2.42 -12.99
N ALA A 407 -28.41 -2.14 -14.19
CA ALA A 407 -28.87 -0.98 -14.97
C ALA A 407 -30.31 -1.17 -15.47
N GLU A 408 -30.66 -2.40 -15.83
CA GLU A 408 -32.01 -2.74 -16.25
C GLU A 408 -33.07 -2.60 -15.14
N SER A 409 -32.66 -2.55 -13.87
CA SER A 409 -33.58 -2.35 -12.75
C SER A 409 -33.64 -0.90 -12.31
N ALA A 410 -32.90 -0.03 -12.99
CA ALA A 410 -32.84 1.38 -12.60
C ALA A 410 -34.03 2.18 -13.16
N ALA A 411 -34.05 3.49 -12.91
CA ALA A 411 -35.01 4.42 -13.54
C ALA A 411 -34.50 4.84 -14.94
N LEU A 412 -35.24 4.45 -15.97
CA LEU A 412 -34.86 4.69 -17.37
C LEU A 412 -35.58 5.94 -17.93
N THR A 413 -34.88 6.66 -18.80
CA THR A 413 -35.36 7.91 -19.41
C THR A 413 -34.94 7.83 -20.88
N ASN A 414 -35.88 7.46 -21.77
CA ASN A 414 -35.65 7.36 -23.24
C ASN A 414 -34.57 6.32 -23.65
N THR A 415 -34.47 5.29 -22.80
CA THR A 415 -33.58 4.13 -22.97
C THR A 415 -34.38 2.90 -22.54
N ALA A 416 -33.98 1.72 -23.01
CA ALA A 416 -34.75 0.47 -22.79
C ALA A 416 -33.87 -0.72 -22.38
N THR A 417 -34.53 -1.82 -22.00
CA THR A 417 -33.88 -3.06 -21.60
C THR A 417 -33.87 -4.08 -22.75
N ASN A 418 -32.81 -4.87 -22.80
CA ASN A 418 -32.61 -5.89 -23.83
C ASN A 418 -31.66 -6.98 -23.27
N ASN A 419 -31.45 -8.05 -24.05
CA ASN A 419 -30.60 -9.17 -23.65
C ASN A 419 -29.88 -9.83 -24.83
N ASN A 420 -29.70 -9.05 -25.89
CA ASN A 420 -29.31 -9.60 -27.18
C ASN A 420 -27.80 -9.50 -27.45
N HIS A 421 -27.01 -9.34 -26.38
CA HIS A 421 -25.57 -9.59 -26.44
C HIS A 421 -25.11 -10.46 -25.26
N SER A 422 -24.09 -11.25 -25.55
CA SER A 422 -23.45 -12.11 -24.59
C SER A 422 -22.73 -11.26 -23.51
N GLY A 423 -22.84 -11.63 -22.22
CA GLY A 423 -21.94 -11.15 -21.13
C GLY A 423 -22.51 -10.22 -20.06
N TYR A 424 -23.76 -9.83 -20.19
CA TYR A 424 -24.39 -9.01 -19.15
C TYR A 424 -24.54 -9.84 -17.86
N THR A 425 -24.91 -9.15 -16.78
CA THR A 425 -25.17 -9.77 -15.47
C THR A 425 -26.61 -9.41 -15.11
N GLY A 426 -27.22 -10.08 -14.13
CA GLY A 426 -28.65 -9.87 -13.82
C GLY A 426 -29.51 -10.41 -14.95
N SER A 427 -30.66 -9.79 -15.23
CA SER A 427 -31.57 -10.24 -16.31
C SER A 427 -31.35 -9.60 -17.70
N GLY A 428 -30.56 -8.53 -17.79
CA GLY A 428 -30.32 -7.87 -19.08
C GLY A 428 -29.38 -6.69 -19.00
N PHE A 429 -29.65 -5.66 -19.78
CA PHE A 429 -28.89 -4.42 -19.77
C PHE A 429 -29.62 -3.29 -20.50
N VAL A 430 -29.25 -2.05 -20.18
CA VAL A 430 -29.82 -0.89 -20.84
C VAL A 430 -29.19 -0.67 -22.24
N ASP A 431 -30.05 -0.55 -23.26
CA ASP A 431 -29.64 -0.13 -24.61
C ASP A 431 -30.53 1.01 -25.13
N GLN A 432 -30.44 1.32 -26.43
CA GLN A 432 -31.06 2.53 -27.00
C GLN A 432 -30.67 3.73 -26.12
N PHE A 433 -29.35 3.85 -25.94
CA PHE A 433 -28.74 4.90 -25.16
C PHE A 433 -27.81 5.59 -26.15
N ALA A 434 -28.41 6.34 -27.08
CA ALA A 434 -27.65 7.00 -28.17
C ALA A 434 -28.04 8.46 -28.50
N ASP A 435 -29.02 9.04 -27.80
CA ASP A 435 -29.57 10.36 -28.15
C ASP A 435 -29.55 11.35 -26.98
N PRO A 436 -29.36 12.66 -27.26
CA PRO A 436 -29.56 13.68 -26.22
C PRO A 436 -30.91 13.59 -25.53
N GLY A 437 -30.95 13.89 -24.24
CA GLY A 437 -32.16 13.68 -23.44
C GLY A 437 -32.28 12.27 -22.85
N ASP A 438 -31.48 11.31 -23.30
CA ASP A 438 -31.51 9.92 -22.72
C ASP A 438 -30.69 9.84 -21.40
N ALA A 439 -31.15 9.03 -20.44
CA ALA A 439 -30.42 8.82 -19.18
C ALA A 439 -30.78 7.51 -18.44
N VAL A 440 -29.90 7.13 -17.51
CA VAL A 440 -30.14 5.99 -16.61
C VAL A 440 -29.88 6.50 -15.20
N THR A 441 -30.80 6.26 -14.29
CA THR A 441 -30.72 6.84 -12.95
C THR A 441 -30.78 5.75 -11.90
N PHE A 442 -29.60 5.42 -11.34
CA PHE A 442 -29.48 4.44 -10.24
C PHE A 442 -29.88 5.08 -8.93
N SER A 443 -30.43 4.26 -8.03
CA SER A 443 -30.82 4.68 -6.69
C SER A 443 -30.06 3.79 -5.69
N ILE A 444 -29.01 4.36 -5.08
CA ILE A 444 -28.11 3.60 -4.21
C ILE A 444 -28.32 3.91 -2.74
N THR A 445 -27.80 3.02 -1.88
CA THR A 445 -27.80 3.22 -0.44
C THR A 445 -26.45 2.82 0.19
N VAL A 446 -25.79 3.77 0.85
CA VAL A 446 -24.44 3.57 1.38
C VAL A 446 -24.46 3.61 2.90
N PRO A 447 -23.69 2.73 3.56
CA PRO A 447 -23.91 2.57 4.99
C PRO A 447 -23.21 3.60 5.88
N GLU A 448 -22.38 4.46 5.30
CA GLU A 448 -21.54 5.37 6.10
C GLU A 448 -21.03 6.52 5.26
N GLU A 449 -20.58 7.57 5.92
CA GLU A 449 -19.94 8.68 5.26
C GLU A 449 -18.58 8.22 4.79
N GLY A 450 -18.20 8.58 3.59
CA GLY A 450 -16.89 8.24 3.05
C GLY A 450 -16.86 8.26 1.54
N TYR A 451 -15.69 7.92 0.99
CA TYR A 451 -15.53 7.75 -0.46
C TYR A 451 -16.17 6.46 -0.97
N TYR A 452 -16.82 6.57 -2.13
CA TYR A 452 -17.40 5.43 -2.85
C TYR A 452 -16.93 5.53 -4.27
N SER A 453 -16.51 4.40 -4.83
CA SER A 453 -16.06 4.33 -6.22
C SER A 453 -17.21 3.84 -7.11
N LEU A 454 -17.67 4.71 -8.01
CA LEU A 454 -18.74 4.37 -8.96
C LEU A 454 -18.10 3.71 -10.16
N VAL A 455 -18.33 2.40 -10.30
CA VAL A 455 -17.73 1.59 -11.36
C VAL A 455 -18.85 1.12 -12.32
N PHE A 456 -18.67 1.45 -13.59
CA PHE A 456 -19.72 1.30 -14.58
C PHE A 456 -19.30 0.21 -15.49
N ARG A 457 -20.14 -0.80 -15.60
CA ARG A 457 -19.92 -1.85 -16.55
C ARG A 457 -20.78 -1.61 -17.79
N PHE A 458 -20.14 -1.58 -18.96
CA PHE A 458 -20.76 -1.11 -20.19
C PHE A 458 -20.15 -1.80 -21.40
N ALA A 459 -20.84 -1.67 -22.55
CA ALA A 459 -20.26 -2.00 -23.88
C ALA A 459 -20.33 -0.83 -24.86
N ASN A 460 -19.39 -0.84 -25.80
CA ASN A 460 -19.22 0.20 -26.80
C ASN A 460 -18.35 -0.37 -27.91
N ASN A 461 -18.99 -0.73 -29.02
CA ASN A 461 -18.32 -0.99 -30.29
C ASN A 461 -18.75 0.07 -31.33
N SER A 462 -18.93 1.33 -30.89
CA SER A 462 -19.23 2.48 -31.79
C SER A 462 -18.14 2.80 -32.83
N GLY A 463 -16.91 2.35 -32.58
CA GLY A 463 -15.74 2.75 -33.36
C GLY A 463 -14.97 3.90 -32.70
N PHE A 464 -15.58 4.54 -31.71
CA PHE A 464 -14.98 5.69 -31.05
C PHE A 464 -15.49 5.83 -29.60
N THR A 465 -14.71 6.56 -28.79
CA THR A 465 -15.05 6.85 -27.40
C THR A 465 -16.40 7.55 -27.25
N ALA A 466 -17.28 7.00 -26.43
CA ALA A 466 -18.54 7.67 -26.09
C ALA A 466 -18.32 8.45 -24.80
N THR A 467 -19.25 9.35 -24.49
CA THR A 467 -19.16 10.17 -23.26
C THR A 467 -20.54 10.34 -22.69
N ARG A 468 -20.61 10.41 -21.37
CA ARG A 468 -21.84 10.76 -20.69
C ARG A 468 -21.47 11.72 -19.58
N ASN A 469 -22.45 12.53 -19.17
CA ASN A 469 -22.31 13.39 -18.01
C ASN A 469 -22.91 12.66 -16.83
N LEU A 470 -22.20 12.70 -15.71
CA LEU A 470 -22.61 12.03 -14.47
C LEU A 470 -23.17 13.06 -13.51
N TYR A 471 -24.23 12.71 -12.81
CA TYR A 471 -24.86 13.59 -11.82
C TYR A 471 -25.04 12.79 -10.55
N VAL A 472 -24.84 13.45 -9.42
CA VAL A 472 -25.01 12.82 -8.13
C VAL A 472 -25.98 13.70 -7.38
N ASP A 473 -27.01 13.08 -6.79
CA ASP A 473 -28.11 13.80 -6.18
C ASP A 473 -28.52 15.03 -7.03
N SER A 474 -28.75 14.79 -8.32
CA SER A 474 -29.18 15.82 -9.29
C SER A 474 -28.10 16.81 -9.74
N ALA A 475 -27.04 17.01 -8.94
CA ALA A 475 -25.98 17.98 -9.29
C ALA A 475 -24.87 17.35 -10.13
N PHE A 476 -24.50 18.03 -11.21
CA PHE A 476 -23.46 17.63 -12.12
C PHE A 476 -22.12 17.37 -11.43
N GLU A 477 -21.51 16.21 -11.69
CA GLU A 477 -20.20 15.85 -11.12
C GLU A 477 -19.12 16.00 -12.16
N ILE A 478 -19.26 15.30 -13.27
CA ILE A 478 -18.20 15.24 -14.27
C ILE A 478 -18.67 14.55 -15.56
N GLU A 479 -17.92 14.77 -16.63
CA GLU A 479 -18.08 14.03 -17.89
C GLU A 479 -17.16 12.79 -17.88
N LEU A 480 -17.76 11.61 -18.07
CA LEU A 480 -17.03 10.32 -18.11
C LEU A 480 -16.82 9.81 -19.53
N PRO A 481 -15.60 9.36 -19.88
CA PRO A 481 -15.37 8.66 -21.13
C PRO A 481 -15.64 7.12 -21.04
N PHE A 482 -16.02 6.52 -22.17
CA PHE A 482 -16.31 5.10 -22.31
C PHE A 482 -15.59 4.60 -23.56
N GLN A 483 -14.43 3.99 -23.37
CA GLN A 483 -13.60 3.53 -24.48
C GLN A 483 -14.35 2.55 -25.40
N ASN A 484 -14.03 2.62 -26.68
CA ASN A 484 -14.52 1.67 -27.67
C ASN A 484 -13.83 0.29 -27.50
N GLN A 485 -14.62 -0.79 -27.62
CA GLN A 485 -14.13 -2.17 -27.45
C GLN A 485 -14.20 -2.93 -28.80
N PRO A 486 -13.54 -4.09 -28.92
CA PRO A 486 -13.56 -4.83 -30.21
C PRO A 486 -14.95 -5.28 -30.71
N SER A 487 -15.85 -5.61 -29.79
CA SER A 487 -17.21 -6.03 -30.13
C SER A 487 -18.24 -5.60 -29.07
N TRP A 488 -19.50 -5.78 -29.42
CA TRP A 488 -20.62 -5.48 -28.51
C TRP A 488 -20.83 -6.50 -27.38
N SER A 489 -20.06 -7.59 -27.40
CA SER A 489 -20.03 -8.57 -26.31
C SER A 489 -18.77 -8.43 -25.39
N ALA A 490 -17.79 -7.62 -25.77
CA ALA A 490 -16.59 -7.35 -24.94
C ALA A 490 -16.86 -6.18 -23.96
N TRP A 491 -17.48 -6.52 -22.83
CA TRP A 491 -17.84 -5.56 -21.78
C TRP A 491 -16.58 -5.05 -21.04
N SER A 492 -16.70 -3.86 -20.44
CA SER A 492 -15.62 -3.23 -19.71
C SER A 492 -16.19 -2.65 -18.45
N HIS A 493 -15.40 -2.68 -17.37
CA HIS A 493 -15.71 -1.93 -16.15
C HIS A 493 -14.61 -0.92 -15.80
N GLU A 494 -14.01 -0.35 -16.84
CA GLU A 494 -12.85 0.52 -16.69
C GLU A 494 -13.22 2.01 -16.72
N THR A 495 -14.51 2.32 -16.60
CA THR A 495 -14.96 3.67 -16.41
C THR A 495 -15.46 3.76 -14.99
N TRP A 496 -14.84 4.62 -14.18
CA TRP A 496 -15.10 4.76 -12.74
C TRP A 496 -14.98 6.22 -12.33
N HIS A 497 -15.64 6.60 -11.25
CA HIS A 497 -15.40 7.91 -10.68
C HIS A 497 -15.70 7.81 -9.19
N GLN A 498 -14.79 8.33 -8.35
CA GLN A 498 -14.96 8.30 -6.89
C GLN A 498 -15.68 9.53 -6.40
N VAL A 499 -16.55 9.39 -5.42
CA VAL A 499 -17.28 10.53 -4.87
C VAL A 499 -17.33 10.38 -3.39
N TYR A 500 -17.64 11.47 -2.70
CA TYR A 500 -17.72 11.47 -1.26
C TYR A 500 -19.18 11.67 -0.91
N LEU A 501 -19.70 10.83 -0.03
CA LEU A 501 -21.14 10.73 0.17
C LEU A 501 -21.43 10.61 1.63
N THR A 502 -22.58 11.15 2.04
CA THR A 502 -23.10 11.00 3.40
C THR A 502 -23.89 9.71 3.47
N PRO A 503 -24.17 9.21 4.69
CA PRO A 503 -24.90 7.94 4.76
C PRO A 503 -26.31 8.00 4.17
N GLY A 504 -26.85 6.84 3.78
CA GLY A 504 -28.23 6.71 3.29
C GLY A 504 -28.34 6.80 1.78
N THR A 505 -29.48 7.32 1.33
CA THR A 505 -29.89 7.28 -0.08
C THR A 505 -29.21 8.36 -0.91
N HIS A 506 -28.87 8.00 -2.15
CA HIS A 506 -28.37 8.94 -3.13
C HIS A 506 -28.81 8.47 -4.53
N THR A 507 -28.77 9.39 -5.50
CA THR A 507 -29.15 9.10 -6.88
C THR A 507 -27.92 9.33 -7.74
N ILE A 508 -27.66 8.41 -8.66
CA ILE A 508 -26.48 8.44 -9.52
C ILE A 508 -27.03 8.32 -10.94
N LYS A 509 -26.87 9.39 -11.73
CA LYS A 509 -27.44 9.49 -13.07
C LYS A 509 -26.34 9.60 -14.13
N LEU A 510 -26.37 8.70 -15.10
CA LEU A 510 -25.53 8.78 -16.28
C LEU A 510 -26.42 9.33 -17.41
N ALA A 511 -26.00 10.42 -18.04
CA ALA A 511 -26.87 11.12 -18.99
C ALA A 511 -26.16 11.39 -20.32
N TYR A 512 -26.92 11.23 -21.40
CA TYR A 512 -26.56 11.78 -22.71
C TYR A 512 -27.25 13.17 -22.74
N ASP A 513 -26.46 14.20 -22.40
CA ASP A 513 -26.87 15.60 -22.55
C ASP A 513 -26.30 16.06 -23.87
N ALA A 514 -26.79 17.22 -24.34
CA ALA A 514 -26.32 17.78 -25.60
C ALA A 514 -24.81 18.02 -25.51
N GLY A 515 -24.08 17.58 -26.52
CA GLY A 515 -22.60 17.66 -26.50
C GLY A 515 -21.86 16.37 -26.12
N ASN A 516 -22.60 15.42 -25.52
CA ASN A 516 -22.10 14.04 -25.37
C ASN A 516 -22.12 13.30 -26.73
N VAL A 517 -21.32 12.25 -26.85
CA VAL A 517 -21.23 11.47 -28.11
C VAL A 517 -21.35 9.95 -27.89
N GLY A 518 -21.62 9.25 -28.99
CA GLY A 518 -21.54 7.81 -29.05
C GLY A 518 -22.73 7.09 -28.44
N ALA A 519 -22.90 5.82 -28.81
CA ALA A 519 -23.88 4.94 -28.16
C ALA A 519 -23.15 3.99 -27.21
N ILE A 520 -23.78 3.66 -26.09
CA ILE A 520 -23.28 2.60 -25.20
C ILE A 520 -24.41 1.72 -24.67
N ASN A 521 -24.04 0.49 -24.32
CA ASN A 521 -24.92 -0.39 -23.57
C ASN A 521 -24.43 -0.41 -22.11
N LEU A 522 -25.34 -0.24 -21.15
CA LEU A 522 -24.99 -0.17 -19.73
C LEU A 522 -25.49 -1.41 -18.96
N ASP A 523 -24.54 -2.17 -18.39
CA ASP A 523 -24.85 -3.34 -17.59
C ASP A 523 -25.20 -2.99 -16.17
N SER A 524 -24.29 -2.31 -15.48
CA SER A 524 -24.44 -2.08 -14.03
C SER A 524 -23.59 -0.96 -13.48
N LEU A 525 -23.90 -0.58 -12.26
CA LEU A 525 -23.11 0.30 -11.42
C LEU A 525 -22.72 -0.55 -10.22
N THR A 526 -21.44 -0.60 -9.90
CA THR A 526 -20.93 -1.29 -8.72
C THR A 526 -20.19 -0.27 -7.84
N LEU A 527 -20.46 -0.28 -6.54
CA LEU A 527 -19.67 0.52 -5.61
C LEU A 527 -18.34 -0.20 -5.29
N GLY A 528 -17.29 0.14 -6.04
CA GLY A 528 -15.99 -0.56 -5.93
C GLY A 528 -15.44 -0.52 -4.51
N THR A 529 -15.30 -1.72 -3.92
CA THR A 529 -14.97 -1.88 -2.51
C THR A 529 -13.79 -2.87 -2.33
N PHE A 530 -12.71 -2.39 -1.70
CA PHE A 530 -11.59 -3.28 -1.35
C PHE A 530 -12.08 -4.33 -0.36
N ASP A 531 -11.71 -5.59 -0.60
CA ASP A 531 -12.11 -6.71 0.29
C ASP A 531 -11.15 -6.80 1.51
N PRO A 532 -11.63 -6.52 2.75
CA PRO A 532 -10.73 -6.61 3.92
C PRO A 532 -10.14 -8.01 4.21
N HIS A 533 -10.85 -9.07 3.83
CA HIS A 533 -10.47 -10.43 4.21
C HIS A 533 -9.15 -10.76 3.55
N SER A 534 -9.09 -10.58 2.25
CA SER A 534 -7.87 -10.83 1.51
C SER A 534 -6.76 -9.88 1.95
N ILE A 535 -7.11 -8.62 2.14
CA ILE A 535 -6.11 -7.59 2.44
C ILE A 535 -5.44 -7.88 3.78
N ARG A 536 -6.23 -8.28 4.77
CA ARG A 536 -5.62 -8.62 6.03
C ARG A 536 -4.76 -9.90 5.97
N LEU A 537 -5.16 -10.90 5.17
CA LEU A 537 -4.40 -12.13 5.06
C LEU A 537 -3.06 -11.88 4.36
N ALA A 538 -3.09 -11.15 3.26
CA ALA A 538 -1.91 -10.83 2.50
C ALA A 538 -0.88 -10.05 3.32
N ASN A 539 -1.33 -8.97 3.96
CA ASN A 539 -0.47 -8.16 4.85
C ASN A 539 0.17 -8.98 5.98
N ALA A 540 -0.60 -9.90 6.56
CA ALA A 540 -0.10 -10.79 7.58
C ALA A 540 0.95 -11.75 7.03
N MET A 541 0.64 -12.36 5.89
CA MET A 541 1.61 -13.24 5.27
C MET A 541 2.93 -12.49 4.97
N MET A 542 2.83 -11.29 4.43
CA MET A 542 4.04 -10.54 4.06
C MET A 542 4.88 -10.20 5.30
N ALA A 543 4.22 -9.73 6.34
CA ALA A 543 4.90 -9.36 7.58
C ALA A 543 5.50 -10.56 8.29
N ALA A 544 4.77 -11.66 8.33
CA ALA A 544 5.30 -12.90 8.90
C ALA A 544 6.54 -13.41 8.17
N SER A 545 6.66 -13.08 6.88
CA SER A 545 7.82 -13.43 6.05
C SER A 545 8.89 -12.33 5.96
N GLY A 546 8.65 -11.16 6.53
CA GLY A 546 9.65 -10.10 6.65
C GLY A 546 9.57 -9.02 5.61
N ALA A 547 8.41 -8.89 4.94
CA ALA A 547 8.19 -7.80 3.99
C ALA A 547 7.03 -6.90 4.42
N THR A 548 7.04 -5.66 3.92
CA THR A 548 5.88 -4.78 4.00
C THR A 548 5.34 -4.57 2.59
N HIS A 549 4.26 -3.79 2.53
CA HIS A 549 3.38 -3.69 1.37
C HIS A 549 3.13 -2.19 1.12
N ILE A 550 3.48 -1.71 -0.06
CA ILE A 550 3.09 -0.38 -0.47
C ILE A 550 1.65 -0.48 -0.97
N GLU A 551 0.74 0.15 -0.24
CA GLU A 551 -0.66 0.14 -0.55
C GLU A 551 -1.44 1.41 -0.13
N LEU A 552 -0.97 2.16 0.87
CA LEU A 552 -1.73 3.34 1.34
C LEU A 552 -1.12 4.65 0.87
N GLY A 553 -1.99 5.61 0.61
CA GLY A 553 -1.55 6.91 0.13
C GLY A 553 -2.66 7.95 0.16
N GLU A 554 -2.31 9.18 -0.17
CA GLU A 554 -3.24 10.29 -0.18
C GLU A 554 -3.98 10.30 1.15
N ASP A 555 -5.30 10.56 1.15
CA ASP A 555 -6.09 10.58 2.41
C ASP A 555 -6.72 9.22 2.66
N SER A 556 -5.89 8.24 3.04
CA SER A 556 -6.36 6.86 3.15
C SER A 556 -7.01 6.37 1.83
N GLN A 557 -6.36 6.61 0.70
CA GLN A 557 -6.69 5.88 -0.52
C GLN A 557 -5.82 4.63 -0.49
N MET A 558 -6.22 3.63 -1.26
CA MET A 558 -5.45 2.40 -1.43
C MET A 558 -5.25 2.10 -2.90
N LEU A 559 -4.12 1.47 -3.21
CA LEU A 559 -3.78 1.16 -4.61
C LEU A 559 -4.66 0.03 -5.16
N ALA A 560 -5.40 0.36 -6.22
CA ALA A 560 -6.24 -0.57 -6.94
C ALA A 560 -5.61 -1.01 -8.23
N HIS A 561 -4.52 -0.36 -8.63
CA HIS A 561 -3.97 -0.45 -9.99
C HIS A 561 -2.56 0.17 -9.98
N GLU A 562 -1.73 -0.15 -10.97
CA GLU A 562 -0.36 0.38 -11.06
C GLU A 562 -0.26 1.90 -11.33
N TYR A 563 -1.27 2.48 -11.97
CA TYR A 563 -1.38 3.93 -12.14
C TYR A 563 -1.99 4.43 -10.83
N TYR A 564 -1.14 4.97 -9.95
CA TYR A 564 -1.53 5.24 -8.57
C TYR A 564 -2.81 6.07 -8.37
N PRO A 565 -3.03 7.11 -9.21
CA PRO A 565 -4.28 7.89 -9.09
C PRO A 565 -5.60 7.14 -9.28
N ASN A 566 -5.56 5.90 -9.76
CA ASN A 566 -6.77 5.09 -9.93
C ASN A 566 -7.54 4.93 -8.62
N ARG A 567 -8.80 5.35 -8.65
CA ARG A 567 -9.70 5.26 -7.50
C ARG A 567 -10.89 4.32 -7.84
N SER A 568 -10.62 3.24 -8.57
CA SER A 568 -11.67 2.25 -8.92
C SER A 568 -12.20 1.47 -7.73
N LYS A 569 -11.50 1.50 -6.59
CA LYS A 569 -12.03 0.98 -5.34
C LYS A 569 -11.72 1.92 -4.15
N SER A 570 -12.56 1.86 -3.13
CA SER A 570 -12.43 2.62 -1.92
C SER A 570 -12.49 1.66 -0.75
N MET A 571 -11.85 2.03 0.36
CA MET A 571 -11.90 1.26 1.58
C MET A 571 -13.04 1.70 2.45
N ARG A 572 -13.68 0.77 3.11
CA ARG A 572 -14.69 1.10 4.08
C ARG A 572 -14.03 1.22 5.49
N SER A 573 -14.75 1.84 6.42
CA SER A 573 -14.17 2.19 7.71
C SER A 573 -13.67 0.98 8.49
N GLU A 574 -14.38 -0.15 8.44
CA GLU A 574 -13.88 -1.38 9.09
C GLU A 574 -12.51 -1.85 8.54
N LEU A 575 -12.26 -1.65 7.24
CA LEU A 575 -10.97 -2.00 6.67
C LEU A 575 -9.92 -0.97 7.13
N LYS A 576 -10.22 0.31 7.08
CA LYS A 576 -9.30 1.33 7.59
C LYS A 576 -8.88 1.07 9.07
N GLU A 577 -9.81 0.63 9.92
CA GLU A 577 -9.51 0.32 11.33
C GLU A 577 -8.54 -0.88 11.42
N ALA A 578 -8.83 -1.93 10.65
CA ALA A 578 -8.00 -3.12 10.62
C ALA A 578 -6.61 -2.79 10.11
N LEU A 579 -6.50 -1.91 9.14
CA LEU A 579 -5.18 -1.49 8.66
C LEU A 579 -4.42 -0.67 9.70
N LYS A 580 -5.10 0.19 10.44
CA LYS A 580 -4.44 0.92 11.53
C LYS A 580 -3.85 -0.07 12.51
N GLN A 581 -4.66 -1.03 12.95
CA GLN A 581 -4.20 -2.08 13.85
C GLN A 581 -2.98 -2.84 13.28
N HIS A 582 -3.11 -3.28 12.02
CA HIS A 582 -2.05 -4.05 11.40
C HIS A 582 -0.77 -3.24 11.33
N TYR A 583 -0.86 -2.02 10.80
CA TYR A 583 0.32 -1.19 10.62
C TYR A 583 0.99 -0.80 11.96
N ASN A 584 0.21 -0.62 13.02
CA ASN A 584 0.80 -0.39 14.33
C ASN A 584 1.37 -1.68 14.90
N PHE A 585 0.72 -2.81 14.66
CA PHE A 585 1.25 -4.09 15.13
C PHE A 585 2.64 -4.36 14.53
N ILE A 586 2.81 -4.12 13.24
CA ILE A 586 4.11 -4.38 12.58
C ILE A 586 5.19 -3.36 12.91
N THR A 587 4.80 -2.24 13.52
CA THR A 587 5.74 -1.29 14.06
C THR A 587 6.11 -1.65 15.52
N ALA A 588 5.13 -1.89 16.36
CA ALA A 588 5.36 -2.22 17.78
C ALA A 588 6.16 -3.51 17.95
N TYR A 589 5.95 -4.47 17.06
CA TYR A 589 6.59 -5.78 17.11
C TYR A 589 7.62 -5.91 15.98
N GLU A 590 8.08 -4.77 15.45
CA GLU A 590 9.07 -4.77 14.34
C GLU A 590 10.37 -5.58 14.62
N ASN A 591 10.81 -5.63 15.87
CA ASN A 591 12.02 -6.37 16.22
C ASN A 591 11.87 -7.87 16.05
N LEU A 592 10.65 -8.38 16.15
CA LEU A 592 10.36 -9.80 15.90
C LEU A 592 10.01 -10.11 14.45
N LEU A 593 9.90 -9.08 13.62
CA LEU A 593 9.48 -9.24 12.23
C LEU A 593 10.57 -8.94 11.19
N PHE A 594 11.21 -7.79 11.30
CA PHE A 594 12.00 -7.24 10.20
C PHE A 594 13.49 -7.07 10.52
N ASP A 595 13.92 -7.33 11.75
CA ASP A 595 15.35 -7.18 12.10
C ASP A 595 16.21 -8.20 11.31
N PRO A 596 17.48 -7.87 10.97
CA PRO A 596 18.31 -8.84 10.24
C PRO A 596 18.51 -10.18 10.91
N ASP A 597 18.51 -10.21 12.25
CA ASP A 597 18.65 -11.46 13.04
C ASP A 597 17.35 -12.34 13.13
N VAL A 598 16.24 -11.92 12.49
CA VAL A 598 15.01 -12.72 12.44
C VAL A 598 15.15 -13.69 11.28
N VAL A 599 15.20 -14.99 11.61
CA VAL A 599 15.46 -16.04 10.62
C VAL A 599 14.43 -17.13 10.76
N ASP A 600 14.10 -17.83 9.66
CA ASP A 600 13.29 -19.06 9.72
C ASP A 600 14.01 -20.08 10.59
N ASN A 601 13.28 -20.87 11.36
CA ASN A 601 13.87 -21.98 12.12
C ASN A 601 13.85 -23.21 11.20
N ASP A 602 14.98 -23.92 11.16
CA ASP A 602 15.24 -25.04 10.23
C ASP A 602 14.22 -26.19 10.23
N SER A 603 13.63 -26.44 11.41
CA SER A 603 12.76 -27.60 11.62
C SER A 603 11.47 -27.46 10.79
N GLY A 604 10.94 -28.59 10.33
CA GLY A 604 9.85 -28.62 9.35
C GLY A 604 8.47 -28.30 9.91
N SER A 605 7.46 -29.07 9.48
CA SER A 605 6.04 -28.81 9.82
C SER A 605 5.41 -29.67 10.95
N GLN A 606 6.14 -30.65 11.53
CA GLN A 606 5.74 -31.31 12.81
C GLN A 606 6.48 -30.66 14.02
N PHE A 607 6.88 -29.40 13.85
CA PHE A 607 7.36 -28.56 14.93
C PHE A 607 6.15 -28.02 15.73
N VAL A 608 4.96 -27.99 15.10
CA VAL A 608 3.76 -27.38 15.70
C VAL A 608 2.49 -28.22 15.48
N ASN A 609 1.72 -28.39 16.56
CA ASN A 609 0.46 -29.13 16.54
C ASN A 609 -0.69 -28.30 17.09
N LEU A 610 -1.76 -28.25 16.31
CA LEU A 610 -3.01 -27.64 16.73
C LEU A 610 -4.02 -28.77 16.81
N ASP A 611 -4.50 -29.02 18.01
CA ASP A 611 -5.41 -30.12 18.25
C ASP A 611 -6.82 -29.84 17.67
N MET A 612 -7.23 -30.71 16.74
CA MET A 612 -8.56 -30.67 16.09
C MET A 612 -8.84 -29.37 15.30
N VAL A 613 -7.77 -28.81 14.73
CA VAL A 613 -7.87 -27.68 13.80
C VAL A 613 -6.94 -28.03 12.67
N SER A 614 -7.38 -28.04 11.41
CA SER A 614 -6.45 -28.42 10.32
C SER A 614 -5.38 -27.34 10.13
N ALA A 615 -4.14 -27.78 10.04
CA ALA A 615 -3.00 -26.91 9.99
C ALA A 615 -1.99 -27.39 8.95
N SER A 616 -1.11 -26.48 8.54
CA SER A 616 -0.02 -26.77 7.63
C SER A 616 1.16 -25.90 7.98
N GLY A 617 2.33 -26.30 7.50
CA GLY A 617 3.52 -25.49 7.62
C GLY A 617 3.86 -24.79 6.32
N ASP A 618 3.01 -24.90 5.31
CA ASP A 618 3.37 -24.52 3.96
C ASP A 618 2.29 -23.69 3.23
N ALA A 619 1.41 -23.03 4.01
CA ALA A 619 0.34 -22.16 3.53
C ALA A 619 -0.59 -22.94 2.59
N SER A 620 -0.96 -24.15 3.04
CA SER A 620 -1.92 -24.95 2.30
C SER A 620 -3.26 -24.31 2.43
N PRO A 621 -4.06 -24.34 1.36
CA PRO A 621 -5.42 -23.78 1.41
C PRO A 621 -6.31 -24.40 2.50
N ASN A 622 -7.23 -23.60 3.07
CA ASN A 622 -8.13 -24.09 4.09
C ASN A 622 -7.45 -24.63 5.37
N THR A 623 -6.25 -24.13 5.67
CA THR A 623 -5.54 -24.50 6.91
C THR A 623 -5.07 -23.31 7.71
N VAL A 624 -4.89 -23.53 9.02
CA VAL A 624 -4.10 -22.65 9.85
C VAL A 624 -2.63 -22.90 9.51
N TRP A 625 -2.03 -21.89 8.92
CA TRP A 625 -0.64 -21.96 8.53
C TRP A 625 0.19 -21.47 9.69
N HIS A 626 1.10 -22.31 10.16
CA HIS A 626 2.07 -21.96 11.19
C HIS A 626 3.47 -21.95 10.60
N GLN A 627 4.22 -20.96 11.02
CA GLN A 627 5.54 -20.64 10.53
C GLN A 627 6.35 -20.36 11.79
N VAL A 628 7.48 -21.01 11.94
CA VAL A 628 8.34 -20.82 13.10
C VAL A 628 9.59 -20.07 12.74
N LYS A 629 9.89 -19.05 13.54
CA LYS A 629 11.00 -18.15 13.30
C LYS A 629 11.72 -17.94 14.62
N ARG A 630 12.87 -17.29 14.56
CA ARG A 630 13.67 -17.07 15.76
C ARG A 630 14.65 -15.92 15.62
N THR A 631 14.93 -15.29 16.76
CA THR A 631 16.03 -14.35 16.91
C THR A 631 16.99 -14.96 17.95
N PRO A 632 18.11 -14.27 18.25
CA PRO A 632 18.95 -14.71 19.40
C PRO A 632 18.19 -14.76 20.74
N GLU A 633 17.24 -13.84 20.95
CA GLU A 633 16.48 -13.77 22.20
C GLU A 633 15.14 -14.53 22.23
N TYR A 634 14.51 -14.75 21.08
CA TYR A 634 13.14 -15.22 21.03
C TYR A 634 12.90 -16.31 19.99
N ASN A 635 12.00 -17.21 20.33
CA ASN A 635 11.35 -18.07 19.37
C ASN A 635 9.94 -17.55 19.11
N ILE A 636 9.59 -17.54 17.84
CA ILE A 636 8.41 -16.90 17.33
C ILE A 636 7.63 -17.95 16.53
N VAL A 637 6.33 -18.08 16.84
CA VAL A 637 5.40 -18.83 15.99
C VAL A 637 4.31 -17.90 15.49
N HIS A 638 4.16 -17.86 14.16
CA HIS A 638 3.07 -17.16 13.51
C HIS A 638 1.98 -18.17 13.17
N PHE A 639 0.74 -17.76 13.40
CA PHE A 639 -0.42 -18.52 12.93
C PHE A 639 -1.21 -17.60 12.03
N ILE A 640 -1.38 -18.00 10.78
CA ILE A 640 -2.14 -17.26 9.77
C ILE A 640 -3.32 -18.13 9.29
N ASN A 641 -4.52 -17.63 9.46
CA ASN A 641 -5.71 -18.45 9.32
C ASN A 641 -6.21 -18.49 7.88
N LEU A 642 -5.86 -19.55 7.13
CA LEU A 642 -6.41 -19.72 5.78
C LEU A 642 -7.63 -20.64 5.74
N ALA A 643 -8.20 -20.93 6.90
CA ALA A 643 -9.44 -21.70 6.97
C ALA A 643 -10.56 -20.94 6.28
N ASN A 644 -11.28 -21.64 5.38
CA ASN A 644 -12.31 -21.08 4.52
C ASN A 644 -11.75 -20.28 3.36
N ASN A 645 -10.47 -20.37 3.05
CA ASN A 645 -9.93 -19.65 1.86
C ASN A 645 -8.88 -20.47 1.17
N ASP A 646 -8.51 -20.05 -0.04
CA ASP A 646 -7.49 -20.73 -0.82
C ASP A 646 -6.09 -20.19 -0.51
N ASN A 647 -5.10 -20.55 -1.32
CA ASN A 647 -3.70 -20.17 -1.15
C ASN A 647 -3.22 -19.03 -2.06
N GLN A 648 -4.15 -18.29 -2.67
CA GLN A 648 -3.78 -17.22 -3.59
C GLN A 648 -3.89 -15.87 -2.87
N TRP A 649 -2.84 -15.06 -2.86
CA TRP A 649 -2.81 -13.86 -2.01
C TRP A 649 -3.69 -12.67 -2.49
N ARG A 650 -3.80 -12.49 -3.81
CA ARG A 650 -4.36 -11.27 -4.40
C ARG A 650 -5.87 -11.14 -4.37
N ASN A 651 -6.58 -12.25 -4.45
CA ASN A 651 -7.97 -12.23 -4.84
C ASN A 651 -8.83 -12.11 -3.62
N SER A 652 -10.01 -11.53 -3.80
CA SER A 652 -10.94 -11.41 -2.69
C SER A 652 -11.23 -12.78 -2.07
N ALA A 653 -11.57 -12.73 -0.79
CA ALA A 653 -11.57 -13.87 0.09
C ALA A 653 -12.81 -13.88 0.95
N ASN A 654 -13.08 -15.02 1.55
CA ASN A 654 -14.18 -15.15 2.53
C ASN A 654 -13.70 -14.71 3.90
N PRO A 655 -14.65 -14.39 4.82
CA PRO A 655 -14.28 -14.31 6.22
C PRO A 655 -13.67 -15.62 6.70
N PRO A 656 -12.51 -15.58 7.36
CA PRO A 656 -11.94 -16.84 7.83
C PRO A 656 -12.80 -17.55 8.85
N THR A 657 -12.70 -18.87 8.90
CA THR A 657 -13.36 -19.63 9.94
C THR A 657 -12.69 -19.23 11.24
N LEU A 658 -13.46 -18.57 12.12
CA LEU A 658 -13.01 -18.22 13.46
C LEU A 658 -12.71 -19.50 14.27
N HIS A 659 -11.57 -19.51 14.95
CA HIS A 659 -11.18 -20.62 15.82
C HIS A 659 -11.13 -20.09 17.25
N THR A 660 -11.55 -20.92 18.20
CA THR A 660 -11.48 -20.55 19.62
C THR A 660 -10.90 -21.73 20.43
N ASN A 661 -10.06 -21.39 21.42
CA ASN A 661 -9.46 -22.29 22.39
C ASN A 661 -8.71 -23.43 21.76
N ILE A 662 -7.69 -23.08 20.99
CA ILE A 662 -6.91 -24.08 20.27
C ILE A 662 -5.81 -24.54 21.19
N ALA A 663 -5.90 -25.83 21.56
CA ALA A 663 -4.87 -26.51 22.31
C ALA A 663 -3.68 -26.70 21.38
N THR A 664 -2.60 -26.00 21.71
CA THR A 664 -1.44 -25.91 20.86
C THR A 664 -0.21 -26.52 21.54
N LYS A 665 0.61 -27.19 20.75
CA LYS A 665 1.93 -27.63 21.18
C LYS A 665 2.97 -27.10 20.21
N VAL A 666 4.02 -26.45 20.74
CA VAL A 666 5.19 -26.06 19.99
C VAL A 666 6.34 -26.91 20.46
N TYR A 667 6.87 -27.75 19.58
CA TYR A 667 8.04 -28.58 19.91
C TYR A 667 9.36 -27.80 19.87
N VAL A 668 10.13 -27.91 20.96
CA VAL A 668 11.29 -27.06 21.22
C VAL A 668 12.52 -27.92 21.54
N SER A 669 13.69 -27.29 21.57
CA SER A 669 14.93 -27.95 22.00
C SER A 669 14.90 -28.28 23.50
N PRO A 670 15.49 -29.43 23.91
CA PRO A 670 15.59 -29.75 25.35
C PRO A 670 16.48 -28.76 26.11
N ASP A 671 17.41 -28.13 25.39
CA ASP A 671 18.32 -27.13 25.93
C ASP A 671 17.61 -25.81 26.19
N GLU A 672 16.84 -25.34 25.19
CA GLU A 672 16.23 -23.99 25.16
C GLU A 672 15.52 -23.59 26.46
N THR A 673 15.70 -22.32 26.82
CA THR A 673 15.25 -21.76 28.11
C THR A 673 13.92 -21.00 27.90
N ILE A 674 13.00 -21.09 28.86
CA ILE A 674 11.63 -20.58 28.67
C ILE A 674 11.00 -19.90 29.90
N SER A 675 10.88 -18.57 29.84
CA SER A 675 10.39 -17.75 30.95
C SER A 675 8.89 -17.44 30.91
N GLY A 676 8.18 -17.88 29.87
CA GLY A 676 6.82 -17.36 29.62
C GLY A 676 6.42 -17.50 28.17
N VAL A 677 5.11 -17.48 27.90
CA VAL A 677 4.59 -17.59 26.53
C VAL A 677 3.72 -16.38 26.28
N TYR A 678 4.10 -15.58 25.27
CA TYR A 678 3.47 -14.30 25.01
C TYR A 678 2.70 -14.32 23.68
N LEU A 679 1.55 -13.67 23.66
CA LEU A 679 0.62 -13.65 22.52
C LEU A 679 0.28 -12.24 22.18
N ALA A 680 0.35 -11.90 20.90
CA ALA A 680 -0.15 -10.63 20.39
C ALA A 680 -0.72 -10.84 19.00
N SER A 681 -1.73 -10.02 18.67
CA SER A 681 -2.40 -10.08 17.37
C SER A 681 -2.93 -8.72 16.96
N PRO A 682 -2.83 -8.36 15.66
CA PRO A 682 -3.55 -7.20 15.16
C PRO A 682 -5.07 -7.35 15.17
N ASP A 683 -5.58 -8.55 15.43
CA ASP A 683 -7.02 -8.80 15.44
C ASP A 683 -7.74 -8.56 16.78
N HIS A 684 -7.03 -8.53 17.90
CA HIS A 684 -7.65 -8.47 19.24
CA HIS A 684 -7.70 -8.32 19.19
C HIS A 684 -6.84 -7.59 20.20
N ASP A 685 -7.53 -6.87 21.07
CA ASP A 685 -6.95 -6.19 22.22
C ASP A 685 -5.89 -5.11 21.90
N ASP A 686 -6.12 -4.35 20.83
CA ASP A 686 -5.27 -3.24 20.43
C ASP A 686 -3.78 -3.52 20.46
N ASN A 687 -3.40 -4.68 19.89
CA ASN A 687 -1.98 -5.06 19.72
C ASN A 687 -1.24 -5.37 21.02
N ARG A 688 -1.94 -5.37 22.17
CA ARG A 688 -1.30 -5.64 23.47
C ARG A 688 -0.86 -7.09 23.55
N THR A 689 0.27 -7.32 24.23
CA THR A 689 0.78 -8.67 24.47
C THR A 689 0.04 -9.23 25.67
N GLN A 690 -0.29 -10.52 25.58
CA GLN A 690 -0.93 -11.23 26.65
C GLN A 690 -0.02 -12.40 27.06
N SER A 691 0.23 -12.56 28.35
CA SER A 691 0.96 -13.72 28.90
C SER A 691 0.00 -14.89 29.04
N LEU A 692 0.32 -16.03 28.44
CA LEU A 692 -0.58 -17.19 28.45
C LEU A 692 -0.06 -18.18 29.47
N ALA A 693 -0.96 -18.82 30.21
CA ALA A 693 -0.60 -20.01 31.00
C ALA A 693 -0.13 -21.10 30.06
N TYR A 694 0.89 -21.85 30.49
CA TYR A 694 1.44 -22.95 29.70
C TYR A 694 2.06 -24.04 30.59
N THR A 695 2.31 -25.18 29.97
CA THR A 695 3.02 -26.29 30.59
C THR A 695 4.15 -26.74 29.67
N THR A 696 5.11 -27.47 30.24
CA THR A 696 6.16 -28.13 29.47
C THR A 696 5.98 -29.61 29.67
N GLY A 697 6.48 -30.38 28.73
CA GLY A 697 6.29 -31.80 28.76
C GLY A 697 7.06 -32.45 27.65
N THR A 698 7.02 -33.77 27.65
CA THR A 698 7.67 -34.59 26.62
C THR A 698 6.65 -35.63 26.22
N ASP A 699 6.70 -36.04 24.96
CA ASP A 699 5.87 -37.13 24.48
C ASP A 699 6.66 -37.91 23.43
N ILE A 700 5.99 -38.91 22.87
CA ILE A 700 6.46 -39.71 21.71
C ILE A 700 7.28 -38.91 20.65
N HIS A 701 6.84 -37.69 20.32
CA HIS A 701 7.48 -36.88 19.26
C HIS A 701 8.59 -35.93 19.75
N GLY A 702 8.72 -35.70 21.07
CA GLY A 702 9.81 -34.86 21.60
C GLY A 702 9.38 -33.92 22.72
N ASP A 703 10.19 -32.90 23.03
CA ASP A 703 9.89 -31.91 24.09
C ASP A 703 9.02 -30.76 23.54
N TYR A 704 8.01 -30.33 24.31
CA TYR A 704 7.07 -29.33 23.85
C TYR A 704 6.71 -28.31 24.91
N VAL A 705 6.20 -27.17 24.43
CA VAL A 705 5.50 -26.18 25.24
C VAL A 705 4.04 -26.28 24.83
N ALA A 706 3.12 -26.35 25.79
CA ALA A 706 1.69 -26.46 25.50
C ALA A 706 0.96 -25.27 26.03
N PHE A 707 -0.02 -24.81 25.26
CA PHE A 707 -0.81 -23.66 25.66
C PHE A 707 -2.10 -23.59 24.82
N THR A 708 -3.02 -22.74 25.24
CA THR A 708 -4.27 -22.57 24.53
C THR A 708 -4.30 -21.21 23.84
N LEU A 709 -4.44 -21.19 22.51
CA LEU A 709 -4.69 -19.93 21.79
C LEU A 709 -6.13 -19.57 22.01
N PRO A 710 -6.41 -18.44 22.66
CA PRO A 710 -7.83 -18.15 22.94
C PRO A 710 -8.66 -17.98 21.68
N SER A 711 -8.07 -17.39 20.65
CA SER A 711 -8.75 -17.24 19.37
C SER A 711 -7.74 -17.03 18.26
N LEU A 712 -8.23 -17.25 17.05
CA LEU A 712 -7.46 -17.02 15.85
C LEU A 712 -8.45 -16.63 14.77
N GLU A 713 -8.24 -15.44 14.21
CA GLU A 713 -9.14 -14.86 13.25
C GLU A 713 -8.34 -14.74 11.93
N TYR A 714 -7.35 -13.83 11.87
CA TYR A 714 -6.49 -13.69 10.68
C TYR A 714 -5.06 -14.09 10.99
N TRP A 715 -4.46 -13.44 11.98
CA TRP A 715 -3.03 -13.63 12.30
C TRP A 715 -2.79 -13.39 13.79
N SER A 716 -2.14 -14.35 14.43
CA SER A 716 -1.72 -14.25 15.81
C SER A 716 -0.28 -14.67 15.87
N MET A 717 0.49 -14.03 16.76
CA MET A 717 1.92 -14.23 16.92
C MET A 717 2.20 -14.60 18.37
N VAL A 718 2.90 -15.71 18.56
CA VAL A 718 3.28 -16.19 19.87
C VAL A 718 4.79 -16.08 19.91
N TYR A 719 5.29 -15.49 20.98
CA TYR A 719 6.70 -15.42 21.19
C TYR A 719 7.09 -15.83 22.61
N MET A 720 8.31 -16.34 22.73
CA MET A 720 8.82 -16.86 24.00
C MET A 720 10.34 -16.90 24.02
#